data_7WW0
#
_entry.id   7WW0
#
_cell.length_a   73.832
_cell.length_b   110.062
_cell.length_c   123.748
_cell.angle_alpha   90.000
_cell.angle_beta   90.000
_cell.angle_gamma   90.000
#
_symmetry.space_group_name_H-M   'P 21 2 21'
#
loop_
_entity.id
_entity.type
_entity.pdbx_description
1 polymer 'Methyltransf_2 domain-containing protein'
2 non-polymer S-ADENOSYL-L-HOMOCYSTEINE
3 non-polymer 'SULFATE ION'
4 non-polymer 1,2-ETHANEDIOL
5 non-polymer GLYCEROL
6 non-polymer '2-(N-MORPHOLINO)-ETHANESULFONIC ACID'
7 non-polymer DI(HYDROXYETHYL)ETHER
8 water water
#
_entity_poly.entity_id   1
_entity_poly.type   'polypeptide(L)'
_entity_poly.pdbx_seq_one_letter_code
;MASDASVADSLDTLAAKLIEKAKDLRAGNSTTPQQHEALVGTLKQVQDAVYLPRDDLAAMQMGFVTAAAIRLLLHWKVFE
KIPDTGSIRYEELATQVGGDVVIITRICWLLVATGFLVQEGSDRVAHTARTRPFAGVNPLRAWWLMGYDEYVPVLLAMPR
YYDTYGIKEPTGRLHTIKAFTEGSPELTVGEIMSRHPERTANMLISMSAMASQYPHTGFYDFSWVAPKAAESATRPLIVD
IGGAKGWTLQAICKETPEIPISRCVLQDLSGVIQMVQTVGDEDIRSAQLMAIDFHKEQPVQGALVYMIRRILRDFGDDEC
VSILQHVVAAMAPDSKLLIADTVTGNPPSWFPAMLDFFLSTIGGKERTEEEFRKITARAGLRITGIHYSDKAEFAMIVCE
KAEHHHHHH
;
_entity_poly.pdbx_strand_id   A,B
#
# COMPACT_ATOMS: atom_id res chain seq x y z
N SER A 10 -19.51 -11.09 17.09
CA SER A 10 -18.60 -11.86 17.92
C SER A 10 -17.82 -12.88 17.07
N LEU A 11 -16.77 -13.45 17.65
CA LEU A 11 -16.07 -14.54 16.98
C LEU A 11 -17.01 -15.70 16.64
N ASP A 12 -17.99 -16.00 17.51
CA ASP A 12 -18.82 -17.17 17.31
C ASP A 12 -19.82 -16.95 16.19
N THR A 13 -20.48 -15.79 16.17
CA THR A 13 -21.32 -15.51 15.01
C THR A 13 -20.48 -15.45 13.72
N LEU A 14 -19.23 -15.01 13.81
CA LEU A 14 -18.40 -14.95 12.59
C LEU A 14 -18.08 -16.36 12.10
N ALA A 15 -17.58 -17.22 12.98
CA ALA A 15 -17.38 -18.64 12.64
C ALA A 15 -18.66 -19.26 12.07
N ALA A 16 -19.80 -19.00 12.71
CA ALA A 16 -21.06 -19.54 12.21
C ALA A 16 -21.29 -19.16 10.77
N LYS A 17 -21.06 -17.89 10.42
CA LYS A 17 -21.28 -17.50 9.03
C LYS A 17 -20.31 -18.22 8.10
N LEU A 18 -19.06 -18.38 8.53
CA LEU A 18 -18.09 -19.09 7.71
C LEU A 18 -18.54 -20.53 7.46
N ILE A 19 -19.05 -21.17 8.50
CA ILE A 19 -19.46 -22.57 8.41
C ILE A 19 -20.59 -22.71 7.42
N GLU A 20 -21.61 -21.84 7.51
CA GLU A 20 -22.75 -21.98 6.61
C GLU A 20 -22.38 -21.67 5.17
N LYS A 21 -21.43 -20.74 4.97
CA LYS A 21 -20.91 -20.53 3.63
C LYS A 21 -20.23 -21.79 3.10
N ALA A 22 -19.39 -22.40 3.94
CA ALA A 22 -18.70 -23.64 3.56
C ALA A 22 -19.70 -24.73 3.18
N LYS A 23 -20.84 -24.82 3.88
CA LYS A 23 -21.77 -25.90 3.60
C LYS A 23 -22.40 -25.76 2.23
N ASP A 24 -22.86 -24.54 1.87
CA ASP A 24 -23.50 -24.35 0.58
C ASP A 24 -22.55 -24.72 -0.57
N LEU A 25 -21.28 -24.31 -0.47
CA LEU A 25 -20.31 -24.65 -1.50
C LEU A 25 -20.15 -26.16 -1.62
N ARG A 26 -19.97 -26.84 -0.49
CA ARG A 26 -19.89 -28.30 -0.50
C ARG A 26 -21.17 -28.91 -1.10
N ALA A 27 -22.34 -28.40 -0.72
CA ALA A 27 -23.65 -28.87 -1.17
C ALA A 27 -23.93 -28.59 -2.65
N GLY A 28 -22.99 -28.10 -3.46
CA GLY A 28 -23.17 -27.95 -4.88
C GLY A 28 -23.62 -26.57 -5.36
N ASN A 29 -24.41 -25.85 -4.56
CA ASN A 29 -24.90 -24.54 -4.98
C ASN A 29 -23.74 -23.57 -5.14
N SER A 30 -23.74 -22.84 -6.26
CA SER A 30 -22.64 -21.94 -6.56
C SER A 30 -22.86 -20.57 -5.92
N THR A 31 -21.75 -19.87 -5.69
CA THR A 31 -21.79 -18.58 -5.01
C THR A 31 -22.39 -17.53 -5.94
N THR A 32 -23.44 -16.87 -5.47
CA THR A 32 -24.00 -15.73 -6.18
C THR A 32 -23.18 -14.48 -5.90
N PRO A 33 -23.29 -13.45 -6.74
CA PRO A 33 -22.54 -12.21 -6.47
C PRO A 33 -22.81 -11.63 -5.10
N GLN A 34 -24.06 -11.65 -4.64
CA GLN A 34 -24.37 -11.12 -3.32
C GLN A 34 -23.69 -11.91 -2.22
N GLN A 35 -23.70 -13.24 -2.35
CA GLN A 35 -23.07 -14.08 -1.35
C GLN A 35 -21.55 -13.88 -1.32
N HIS A 36 -20.95 -13.65 -2.48
CA HIS A 36 -19.51 -13.35 -2.52
C HIS A 36 -19.21 -12.08 -1.73
N GLU A 37 -19.95 -11.00 -2.02
CA GLU A 37 -19.71 -9.75 -1.30
C GLU A 37 -19.88 -9.95 0.19
N ALA A 38 -20.87 -10.76 0.59
CA ALA A 38 -21.12 -10.99 2.01
C ALA A 38 -19.96 -11.73 2.67
N LEU A 39 -19.41 -12.74 1.98
CA LEU A 39 -18.30 -13.50 2.55
C LEU A 39 -17.05 -12.63 2.66
N VAL A 40 -16.78 -11.83 1.63
CA VAL A 40 -15.64 -10.91 1.74
C VAL A 40 -15.82 -10.00 2.95
N GLY A 41 -17.05 -9.49 3.15
CA GLY A 41 -17.31 -8.66 4.31
C GLY A 41 -17.03 -9.37 5.62
N THR A 42 -17.46 -10.64 5.74
CA THR A 42 -17.19 -11.40 6.95
C THR A 42 -15.69 -11.59 7.19
N LEU A 43 -14.93 -11.86 6.12
CA LEU A 43 -13.50 -12.03 6.27
C LEU A 43 -12.84 -10.73 6.75
N LYS A 44 -13.36 -9.58 6.32
CA LYS A 44 -12.82 -8.33 6.81
C LYS A 44 -13.14 -8.14 8.29
N GLN A 45 -14.35 -8.52 8.69
CA GLN A 45 -14.74 -8.45 10.09
C GLN A 45 -13.88 -9.37 10.94
N VAL A 46 -13.53 -10.55 10.42
CA VAL A 46 -12.62 -11.42 11.13
C VAL A 46 -11.28 -10.73 11.30
N GLN A 47 -10.78 -10.14 10.21
CA GLN A 47 -9.51 -9.42 10.28
C GLN A 47 -9.54 -8.36 11.38
N ASP A 48 -10.59 -7.51 11.39
CA ASP A 48 -10.67 -6.45 12.40
C ASP A 48 -10.74 -7.01 13.80
N ALA A 49 -11.38 -8.17 13.97
CA ALA A 49 -11.51 -8.76 15.29
C ALA A 49 -10.25 -9.44 15.80
N VAL A 50 -9.31 -9.86 14.94
CA VAL A 50 -8.16 -10.60 15.44
C VAL A 50 -6.84 -9.89 15.20
N TYR A 51 -6.74 -8.94 14.27
CA TYR A 51 -5.45 -8.31 14.01
C TYR A 51 -4.96 -7.51 15.22
N LEU A 52 -3.67 -7.63 15.50
CA LEU A 52 -2.94 -6.82 16.44
C LEU A 52 -2.13 -5.77 15.70
N PRO A 53 -1.56 -4.79 16.41
CA PRO A 53 -0.78 -3.74 15.71
C PRO A 53 0.31 -4.28 14.80
N ARG A 54 0.99 -5.36 15.21
CA ARG A 54 2.03 -5.90 14.34
C ARG A 54 1.47 -6.53 13.08
N ASP A 55 0.25 -7.08 13.14
CA ASP A 55 -0.37 -7.56 11.89
C ASP A 55 -0.74 -6.40 10.98
N ASP A 56 -1.27 -5.33 11.57
CA ASP A 56 -1.57 -4.11 10.80
C ASP A 56 -0.33 -3.55 10.14
N LEU A 57 0.77 -3.45 10.90
CA LEU A 57 2.00 -2.92 10.33
C LEU A 57 2.48 -3.79 9.18
N ALA A 58 2.46 -5.11 9.36
CA ALA A 58 2.88 -6.01 8.29
C ALA A 58 1.96 -5.91 7.08
N ALA A 59 0.65 -5.73 7.30
CA ALA A 59 -0.27 -5.62 6.17
C ALA A 59 -0.07 -4.31 5.40
N MET A 60 0.13 -3.19 6.12
CA MET A 60 0.46 -1.90 5.49
CA MET A 60 0.40 -1.94 5.43
C MET A 60 1.72 -2.01 4.66
N GLN A 61 2.75 -2.65 5.23
CA GLN A 61 4.01 -2.72 4.51
C GLN A 61 3.89 -3.60 3.28
N MET A 62 3.19 -4.73 3.41
CA MET A 62 2.99 -5.63 2.28
C MET A 62 2.16 -4.95 1.18
N GLY A 63 1.11 -4.22 1.55
CA GLY A 63 0.31 -3.55 0.54
C GLY A 63 1.09 -2.52 -0.24
N PHE A 64 1.86 -1.66 0.46
CA PHE A 64 2.61 -0.62 -0.21
C PHE A 64 3.70 -1.21 -1.10
N VAL A 65 4.39 -2.24 -0.61
CA VAL A 65 5.47 -2.84 -1.39
C VAL A 65 4.91 -3.56 -2.61
N THR A 66 3.81 -4.29 -2.43
CA THR A 66 3.21 -5.00 -3.55
C THR A 66 2.72 -4.03 -4.61
N ALA A 67 2.09 -2.93 -4.18
CA ALA A 67 1.64 -1.93 -5.13
C ALA A 67 2.80 -1.32 -5.91
N ALA A 68 3.92 -1.03 -5.24
CA ALA A 68 5.05 -0.45 -5.95
C ALA A 68 5.64 -1.46 -6.93
N ALA A 69 5.69 -2.74 -6.55
CA ALA A 69 6.20 -3.76 -7.46
C ALA A 69 5.29 -3.88 -8.67
N ILE A 70 3.97 -3.92 -8.44
CA ILE A 70 3.03 -3.97 -9.56
C ILE A 70 3.24 -2.76 -10.47
N ARG A 71 3.35 -1.57 -9.89
CA ARG A 71 3.45 -0.37 -10.73
C ARG A 71 4.69 -0.38 -11.58
N LEU A 72 5.81 -0.88 -11.03
CA LEU A 72 7.04 -0.92 -11.80
C LEU A 72 6.96 -1.93 -12.92
N LEU A 73 6.52 -3.15 -12.59
CA LEU A 73 6.41 -4.17 -13.61
C LEU A 73 5.39 -3.77 -14.66
N LEU A 74 4.34 -3.04 -14.25
CA LEU A 74 3.41 -2.53 -15.24
C LEU A 74 4.09 -1.54 -16.15
N HIS A 75 4.80 -0.59 -15.56
CA HIS A 75 5.49 0.46 -16.31
C HIS A 75 6.55 -0.12 -17.24
N TRP A 76 7.24 -1.18 -16.79
CA TRP A 76 8.28 -1.84 -17.61
C TRP A 76 7.74 -2.76 -18.70
N LYS A 77 6.41 -2.95 -18.77
CA LYS A 77 5.74 -3.84 -19.73
C LYS A 77 6.01 -5.31 -19.44
N VAL A 78 6.34 -5.64 -18.19
CA VAL A 78 6.59 -7.04 -17.86
C VAL A 78 5.31 -7.85 -17.91
N PHE A 79 4.20 -7.30 -17.37
CA PHE A 79 2.99 -8.11 -17.36
C PHE A 79 2.50 -8.42 -18.77
N GLU A 80 2.72 -7.49 -19.70
CA GLU A 80 2.40 -7.69 -21.12
C GLU A 80 3.23 -8.83 -21.73
N LYS A 81 4.47 -9.01 -21.29
CA LYS A 81 5.38 -10.00 -21.85
C LYS A 81 5.31 -11.36 -21.16
N ILE A 82 4.80 -11.43 -19.94
CA ILE A 82 4.51 -12.75 -19.37
C ILE A 82 3.31 -13.33 -20.10
N PRO A 83 3.41 -14.53 -20.68
CA PRO A 83 2.31 -15.07 -21.47
C PRO A 83 1.08 -15.33 -20.62
N ASP A 84 -0.08 -15.35 -21.28
CA ASP A 84 -1.33 -15.49 -20.54
C ASP A 84 -1.38 -16.81 -19.76
N THR A 85 -0.88 -17.90 -20.34
CA THR A 85 -0.69 -19.15 -19.62
C THR A 85 0.70 -19.66 -19.94
N GLY A 86 1.16 -20.66 -19.18
CA GLY A 86 2.53 -21.13 -19.30
C GLY A 86 3.46 -20.18 -18.56
N SER A 87 4.76 -20.33 -18.80
CA SER A 87 5.76 -19.53 -18.11
C SER A 87 6.75 -18.98 -19.13
N ILE A 88 7.56 -18.02 -18.68
CA ILE A 88 8.60 -17.44 -19.52
C ILE A 88 9.85 -17.32 -18.66
N ARG A 89 11.03 -17.53 -19.26
CA ARG A 89 12.27 -17.41 -18.51
C ARG A 89 12.52 -15.96 -18.10
N TYR A 90 13.05 -15.75 -16.89
CA TYR A 90 13.38 -14.38 -16.51
C TYR A 90 14.35 -13.78 -17.53
N GLU A 91 15.27 -14.57 -18.07
CA GLU A 91 16.22 -14.01 -19.04
C GLU A 91 15.54 -13.55 -20.32
N GLU A 92 14.54 -14.29 -20.81
CA GLU A 92 13.80 -13.83 -22.00
C GLU A 92 12.99 -12.58 -21.68
N LEU A 93 12.27 -12.61 -20.56
CA LEU A 93 11.55 -11.43 -20.09
C LEU A 93 12.46 -10.20 -20.06
N ALA A 94 13.64 -10.36 -19.44
CA ALA A 94 14.55 -9.22 -19.33
C ALA A 94 15.00 -8.74 -20.69
N THR A 95 15.37 -9.65 -21.59
CA THR A 95 15.74 -9.24 -22.93
C THR A 95 14.57 -8.51 -23.63
N GLN A 96 13.36 -8.99 -23.44
CA GLN A 96 12.25 -8.37 -24.16
C GLN A 96 11.88 -7.01 -23.62
N VAL A 97 12.05 -6.76 -22.31
CA VAL A 97 11.77 -5.43 -21.82
C VAL A 97 12.99 -4.53 -21.84
N GLY A 98 14.17 -5.07 -22.18
CA GLY A 98 15.34 -4.24 -22.29
C GLY A 98 15.92 -3.85 -20.95
N GLY A 99 15.88 -4.77 -19.97
CA GLY A 99 16.35 -4.44 -18.63
C GLY A 99 17.19 -5.56 -18.06
N ASP A 100 17.82 -5.25 -16.94
CA ASP A 100 18.72 -6.18 -16.27
C ASP A 100 17.94 -7.32 -15.62
N VAL A 101 18.33 -8.56 -15.92
CA VAL A 101 17.59 -9.70 -15.41
C VAL A 101 17.56 -9.73 -13.90
N VAL A 102 18.61 -9.24 -13.25
CA VAL A 102 18.68 -9.34 -11.80
C VAL A 102 17.61 -8.44 -11.15
N ILE A 103 17.54 -7.16 -11.55
CA ILE A 103 16.54 -6.30 -10.89
C ILE A 103 15.12 -6.72 -11.26
N ILE A 104 14.91 -7.21 -12.49
CA ILE A 104 13.57 -7.68 -12.86
C ILE A 104 13.17 -8.88 -12.01
N THR A 105 14.12 -9.79 -11.74
CA THR A 105 13.81 -10.96 -10.94
C THR A 105 13.52 -10.55 -9.50
N ARG A 106 14.31 -9.62 -8.95
CA ARG A 106 14.10 -9.19 -7.58
C ARG A 106 12.72 -8.60 -7.42
N ILE A 107 12.23 -7.88 -8.43
CA ILE A 107 10.90 -7.29 -8.28
C ILE A 107 9.83 -8.34 -8.47
N CYS A 108 9.98 -9.21 -9.48
CA CYS A 108 9.03 -10.31 -9.64
C CYS A 108 8.95 -11.13 -8.37
N TRP A 109 10.10 -11.32 -7.67
CA TRP A 109 10.13 -12.17 -6.48
C TRP A 109 9.25 -11.63 -5.38
N LEU A 110 8.98 -10.32 -5.34
CA LEU A 110 8.04 -9.80 -4.36
C LEU A 110 6.64 -10.32 -4.63
N LEU A 111 6.26 -10.33 -5.91
CA LEU A 111 4.94 -10.86 -6.30
C LEU A 111 4.89 -12.37 -6.22
N VAL A 112 6.00 -13.05 -6.49
CA VAL A 112 6.03 -14.49 -6.27
C VAL A 112 5.78 -14.81 -4.81
N ALA A 113 6.38 -14.03 -3.90
CA ALA A 113 6.31 -14.37 -2.49
C ALA A 113 4.88 -14.27 -1.95
N THR A 114 4.09 -13.36 -2.48
CA THR A 114 2.71 -13.21 -2.01
C THR A 114 1.73 -14.02 -2.83
N GLY A 115 2.17 -14.67 -3.90
CA GLY A 115 1.27 -15.47 -4.71
C GLY A 115 0.60 -14.73 -5.85
N PHE A 116 0.93 -13.44 -6.07
CA PHE A 116 0.49 -12.74 -7.28
C PHE A 116 1.10 -13.34 -8.55
N LEU A 117 2.41 -13.61 -8.56
CA LEU A 117 3.04 -14.36 -9.63
C LEU A 117 3.44 -15.74 -9.10
N VAL A 118 3.69 -16.69 -10.02
CA VAL A 118 4.18 -18.02 -9.70
C VAL A 118 5.54 -18.20 -10.36
N GLN A 119 6.49 -18.80 -9.63
CA GLN A 119 7.77 -19.15 -10.24
C GLN A 119 7.78 -20.64 -10.50
N GLU A 120 8.16 -21.04 -11.72
CA GLU A 120 8.33 -22.43 -12.10
C GLU A 120 9.81 -22.77 -12.11
N GLY A 121 10.19 -23.74 -11.30
CA GLY A 121 11.61 -24.06 -11.31
C GLY A 121 12.42 -22.92 -10.75
N SER A 122 13.65 -22.81 -11.22
CA SER A 122 14.56 -21.78 -10.73
C SER A 122 14.54 -20.51 -11.58
N ASP A 123 13.91 -20.54 -12.77
CA ASP A 123 14.19 -19.44 -13.68
C ASP A 123 13.00 -19.06 -14.58
N ARG A 124 11.77 -19.46 -14.25
CA ARG A 124 10.63 -19.12 -15.07
C ARG A 124 9.54 -18.48 -14.21
N VAL A 125 8.72 -17.64 -14.84
CA VAL A 125 7.67 -16.92 -14.11
C VAL A 125 6.39 -16.96 -14.95
N ALA A 126 5.25 -16.92 -14.25
CA ALA A 126 3.94 -17.13 -14.84
C ALA A 126 2.92 -16.22 -14.15
N HIS A 127 1.90 -15.83 -14.91
CA HIS A 127 0.75 -15.12 -14.36
C HIS A 127 -0.07 -16.01 -13.41
N THR A 128 -0.86 -15.36 -12.57
CA THR A 128 -2.02 -15.93 -11.91
C THR A 128 -3.24 -15.08 -12.27
N ALA A 129 -4.41 -15.49 -11.78
CA ALA A 129 -5.58 -14.66 -11.99
C ALA A 129 -5.42 -13.27 -11.38
N ARG A 130 -4.59 -13.13 -10.34
CA ARG A 130 -4.38 -11.80 -9.73
C ARG A 130 -3.61 -10.85 -10.63
N THR A 131 -2.78 -11.34 -11.57
CA THR A 131 -1.96 -10.42 -12.36
C THR A 131 -2.37 -10.26 -13.81
N ARG A 132 -3.15 -11.19 -14.36
CA ARG A 132 -3.66 -11.05 -15.71
C ARG A 132 -4.39 -9.73 -15.90
N PRO A 133 -5.12 -9.17 -14.91
CA PRO A 133 -5.69 -7.82 -15.10
C PRO A 133 -4.66 -6.76 -15.41
N PHE A 134 -3.39 -6.95 -15.02
CA PHE A 134 -2.42 -5.91 -15.32
C PHE A 134 -1.79 -6.04 -16.70
N ALA A 135 -2.11 -7.08 -17.46
CA ALA A 135 -1.36 -7.37 -18.70
C ALA A 135 -1.80 -6.53 -19.89
N GLY A 136 -2.97 -5.89 -19.85
CA GLY A 136 -3.36 -5.01 -20.93
C GLY A 136 -4.35 -4.00 -20.39
N VAL A 137 -4.88 -3.18 -21.28
CA VAL A 137 -5.83 -2.13 -20.88
C VAL A 137 -7.20 -2.72 -20.61
N ASN A 138 -7.76 -2.44 -19.43
CA ASN A 138 -9.12 -2.85 -19.10
C ASN A 138 -9.63 -1.97 -17.96
N PRO A 139 -10.95 -1.99 -17.68
CA PRO A 139 -11.48 -1.07 -16.66
C PRO A 139 -10.92 -1.25 -15.27
N LEU A 140 -10.72 -2.49 -14.78
CA LEU A 140 -10.23 -2.65 -13.42
C LEU A 140 -8.81 -2.12 -13.29
N ARG A 141 -7.95 -2.45 -14.26
CA ARG A 141 -6.60 -1.90 -14.25
C ARG A 141 -6.63 -0.37 -14.28
N ALA A 142 -7.55 0.22 -15.06
CA ALA A 142 -7.62 1.69 -15.13
C ALA A 142 -8.08 2.28 -13.79
N TRP A 143 -9.03 1.62 -13.12
CA TRP A 143 -9.46 2.06 -11.80
C TRP A 143 -8.31 2.06 -10.80
N TRP A 144 -7.54 0.97 -10.79
CA TRP A 144 -6.38 0.87 -9.91
C TRP A 144 -5.34 1.91 -10.25
N LEU A 145 -5.04 2.11 -11.53
CA LEU A 145 -4.09 3.16 -11.91
C LEU A 145 -4.59 4.55 -11.55
N MET A 146 -5.90 4.80 -11.67
CA MET A 146 -6.38 6.10 -11.24
C MET A 146 -6.09 6.32 -9.76
N GLY A 147 -6.46 5.34 -8.93
CA GLY A 147 -6.18 5.44 -7.50
C GLY A 147 -4.70 5.64 -7.23
N TYR A 148 -3.87 4.80 -7.84
CA TYR A 148 -2.45 4.77 -7.46
C TYR A 148 -1.67 5.96 -8.04
N ASP A 149 -1.95 6.31 -9.29
CA ASP A 149 -1.21 7.41 -9.91
C ASP A 149 -1.82 8.75 -9.55
N GLU A 150 -3.14 8.84 -9.47
CA GLU A 150 -3.76 10.17 -9.35
C GLU A 150 -4.11 10.53 -7.92
N TYR A 151 -4.22 9.56 -7.01
CA TYR A 151 -4.65 9.92 -5.67
C TYR A 151 -3.63 9.57 -4.58
N VAL A 152 -2.90 8.45 -4.70
CA VAL A 152 -1.98 8.09 -3.61
C VAL A 152 -0.95 9.17 -3.34
N PRO A 153 -0.34 9.81 -4.33
CA PRO A 153 0.55 10.94 -4.02
C PRO A 153 -0.16 12.10 -3.35
N VAL A 154 -1.44 12.29 -3.63
CA VAL A 154 -2.20 13.35 -2.99
C VAL A 154 -2.45 13.04 -1.52
N LEU A 155 -2.68 11.78 -1.19
CA LEU A 155 -2.84 11.44 0.23
C LEU A 155 -1.64 11.94 1.04
N LEU A 156 -0.42 11.83 0.47
CA LEU A 156 0.80 12.24 1.17
C LEU A 156 0.86 13.75 1.38
N ALA A 157 0.12 14.52 0.60
CA ALA A 157 0.11 15.98 0.75
C ALA A 157 -0.90 16.47 1.77
N MET A 158 -1.74 15.59 2.36
CA MET A 158 -2.79 16.10 3.22
C MET A 158 -2.24 16.84 4.43
N PRO A 159 -1.22 16.35 5.15
CA PRO A 159 -0.77 17.14 6.31
C PRO A 159 -0.36 18.56 5.92
N ARG A 160 0.40 18.71 4.83
CA ARG A 160 0.78 20.05 4.41
C ARG A 160 -0.41 20.87 3.97
N TYR A 161 -1.37 20.23 3.27
CA TYR A 161 -2.56 20.93 2.81
C TYR A 161 -3.33 21.53 3.98
N TYR A 162 -3.56 20.71 5.02
CA TYR A 162 -4.32 21.24 6.14
C TYR A 162 -3.50 22.23 6.99
N ASP A 163 -2.18 22.12 6.98
CA ASP A 163 -1.36 23.18 7.58
C ASP A 163 -1.45 24.49 6.80
N THR A 164 -1.73 24.39 5.50
CA THR A 164 -1.78 25.57 4.63
C THR A 164 -3.15 26.26 4.72
N TYR A 165 -4.22 25.48 4.65
CA TYR A 165 -5.58 26.01 4.62
C TYR A 165 -6.34 25.86 5.92
N GLY A 166 -5.77 25.23 6.93
CA GLY A 166 -6.49 24.96 8.18
C GLY A 166 -7.19 23.62 8.17
N ILE A 167 -7.37 23.05 9.36
CA ILE A 167 -8.13 21.82 9.52
C ILE A 167 -9.61 22.16 9.33
N LYS A 168 -10.06 22.16 8.08
CA LYS A 168 -11.48 22.34 7.79
C LYS A 168 -11.83 21.50 6.59
N GLU A 169 -13.09 21.08 6.54
CA GLU A 169 -13.54 20.20 5.47
C GLU A 169 -13.32 20.90 4.14
N PRO A 170 -12.59 20.30 3.20
CA PRO A 170 -12.43 20.93 1.88
C PRO A 170 -13.72 20.79 1.10
N THR A 171 -14.32 21.91 0.74
CA THR A 171 -15.59 21.88 0.02
C THR A 171 -15.55 22.66 -1.29
N GLY A 172 -14.47 23.37 -1.59
CA GLY A 172 -14.41 24.16 -2.81
C GLY A 172 -14.04 23.33 -4.03
N ARG A 173 -14.52 23.76 -5.20
CA ARG A 173 -14.07 23.09 -6.41
C ARG A 173 -12.69 23.54 -6.83
N LEU A 174 -12.19 24.68 -6.31
CA LEU A 174 -10.83 25.14 -6.54
C LEU A 174 -10.01 24.95 -5.26
N HIS A 175 -8.68 24.97 -5.41
CA HIS A 175 -7.75 24.78 -4.27
C HIS A 175 -8.05 23.47 -3.54
N THR A 176 -8.47 22.44 -4.28
CA THR A 176 -8.56 21.08 -3.74
C THR A 176 -7.16 20.55 -3.40
N ILE A 177 -7.10 19.47 -2.61
CA ILE A 177 -5.81 18.89 -2.29
C ILE A 177 -5.13 18.37 -3.56
N LYS A 178 -5.93 17.84 -4.48
CA LYS A 178 -5.38 17.41 -5.77
C LYS A 178 -4.77 18.58 -6.53
N ALA A 179 -5.47 19.71 -6.59
CA ALA A 179 -4.94 20.84 -7.36
C ALA A 179 -3.71 21.41 -6.65
N PHE A 180 -3.72 21.34 -5.31
CA PHE A 180 -2.59 21.77 -4.50
C PHE A 180 -1.35 20.94 -4.83
N THR A 181 -1.53 19.61 -4.94
CA THR A 181 -0.44 18.70 -5.30
C THR A 181 -0.01 18.91 -6.75
N GLU A 182 -0.97 19.12 -7.65
CA GLU A 182 -0.68 19.29 -9.06
C GLU A 182 0.03 20.62 -9.34
N GLY A 183 -0.23 21.64 -8.53
CA GLY A 183 0.32 22.96 -8.82
C GLY A 183 -0.54 23.78 -9.74
N SER A 184 -1.85 23.56 -9.75
CA SER A 184 -2.77 24.21 -10.68
C SER A 184 -3.93 24.81 -9.90
N PRO A 185 -3.68 25.91 -9.17
CA PRO A 185 -4.73 26.51 -8.34
C PRO A 185 -5.91 27.05 -9.15
N GLU A 186 -5.74 27.27 -10.44
CA GLU A 186 -6.82 27.87 -11.22
C GLU A 186 -7.83 26.84 -11.74
N LEU A 187 -7.60 25.54 -11.49
CA LEU A 187 -8.34 24.50 -12.21
C LEU A 187 -9.13 23.62 -11.24
N THR A 188 -10.32 23.19 -11.67
CA THR A 188 -10.99 22.09 -10.98
C THR A 188 -10.28 20.78 -11.28
N VAL A 189 -10.59 19.77 -10.49
CA VAL A 189 -9.95 18.47 -10.73
C VAL A 189 -10.34 17.91 -12.10
N GLY A 190 -11.59 18.07 -12.49
CA GLY A 190 -12.02 17.57 -13.80
C GLY A 190 -11.27 18.24 -14.93
N GLU A 191 -10.99 19.53 -14.78
CA GLU A 191 -10.21 20.25 -15.79
C GLU A 191 -8.79 19.76 -15.84
N ILE A 192 -8.16 19.59 -14.66
CA ILE A 192 -6.82 19.04 -14.59
C ILE A 192 -6.73 17.73 -15.37
N MET A 193 -7.61 16.79 -15.07
CA MET A 193 -7.57 15.51 -15.80
C MET A 193 -7.83 15.73 -17.29
N SER A 194 -8.74 16.63 -17.63
CA SER A 194 -9.18 16.73 -19.02
C SER A 194 -8.10 17.29 -19.94
N ARG A 195 -7.03 17.87 -19.40
CA ARG A 195 -5.96 18.48 -20.20
C ARG A 195 -4.81 17.54 -20.51
N HIS A 196 -4.85 16.29 -20.08
CA HIS A 196 -3.80 15.32 -20.35
C HIS A 196 -4.40 14.10 -21.03
N PRO A 197 -4.13 13.90 -22.32
CA PRO A 197 -4.79 12.80 -23.08
C PRO A 197 -4.67 11.42 -22.45
N GLU A 198 -3.49 11.02 -21.98
CA GLU A 198 -3.38 9.66 -21.47
C GLU A 198 -4.05 9.50 -20.12
N ARG A 199 -4.01 10.53 -19.28
CA ARG A 199 -4.77 10.48 -18.03
C ARG A 199 -6.27 10.46 -18.32
N THR A 200 -6.70 11.24 -19.30
CA THR A 200 -8.12 11.25 -19.67
C THR A 200 -8.56 9.90 -20.18
N ALA A 201 -7.78 9.32 -21.09
CA ALA A 201 -8.13 8.02 -21.66
C ALA A 201 -8.30 6.99 -20.56
N ASN A 202 -7.39 7.02 -19.59
CA ASN A 202 -7.45 6.05 -18.49
C ASN A 202 -8.68 6.30 -17.62
N MET A 203 -8.96 7.57 -17.34
CA MET A 203 -10.15 7.90 -16.56
C MET A 203 -11.42 7.38 -17.25
N LEU A 204 -11.53 7.55 -18.57
CA LEU A 204 -12.73 7.12 -19.27
C LEU A 204 -12.92 5.62 -19.15
N ILE A 205 -11.84 4.86 -19.35
CA ILE A 205 -11.92 3.41 -19.27
C ILE A 205 -12.29 2.96 -17.87
N SER A 206 -11.82 3.68 -16.84
CA SER A 206 -12.11 3.27 -15.47
C SER A 206 -13.58 3.41 -15.08
N MET A 207 -14.35 4.20 -15.82
CA MET A 207 -15.73 4.40 -15.43
C MET A 207 -16.60 3.16 -15.65
N SER A 208 -16.13 2.14 -16.37
CA SER A 208 -16.82 0.84 -16.45
C SER A 208 -16.43 -0.11 -15.34
N ALA A 209 -15.47 0.25 -14.49
CA ALA A 209 -15.02 -0.68 -13.46
C ALA A 209 -15.94 -0.68 -12.25
N MET A 210 -15.81 -1.75 -11.45
CA MET A 210 -16.48 -1.84 -10.14
C MET A 210 -18.00 -1.72 -10.30
N ALA A 211 -18.54 -2.45 -11.28
CA ALA A 211 -20.00 -2.52 -11.42
C ALA A 211 -20.67 -3.08 -10.17
N SER A 212 -19.92 -3.81 -9.35
CA SER A 212 -20.39 -4.31 -8.07
C SER A 212 -20.71 -3.20 -7.10
N GLN A 213 -20.12 -2.00 -7.27
CA GLN A 213 -20.39 -0.81 -6.48
C GLN A 213 -21.18 0.25 -7.23
N TYR A 214 -20.97 0.35 -8.55
CA TYR A 214 -21.50 1.43 -9.39
C TYR A 214 -22.17 0.83 -10.62
N PRO A 215 -23.26 0.09 -10.42
CA PRO A 215 -23.93 -0.52 -11.58
C PRO A 215 -24.43 0.55 -12.55
N HIS A 216 -24.40 0.20 -13.84
CA HIS A 216 -24.89 1.15 -14.85
C HIS A 216 -26.36 0.93 -15.22
N THR A 217 -26.86 -0.29 -15.07
CA THR A 217 -28.27 -0.62 -15.30
C THR A 217 -28.72 -1.59 -14.24
N GLY A 218 -30.02 -1.90 -14.22
CA GLY A 218 -30.56 -2.91 -13.35
C GLY A 218 -31.28 -2.39 -12.12
N PHE A 219 -31.25 -1.09 -11.84
CA PHE A 219 -31.89 -0.56 -10.63
C PHE A 219 -32.96 0.47 -10.90
N TYR A 220 -33.14 0.90 -12.16
CA TYR A 220 -34.07 1.95 -12.51
C TYR A 220 -34.61 1.64 -13.91
N ASP A 221 -35.92 1.82 -14.07
CA ASP A 221 -36.60 1.41 -15.29
C ASP A 221 -36.80 2.61 -16.21
N PHE A 222 -36.20 2.56 -17.40
CA PHE A 222 -36.31 3.66 -18.36
C PHE A 222 -37.40 3.45 -19.40
N SER A 223 -38.09 2.31 -19.37
CA SER A 223 -38.96 1.97 -20.49
C SER A 223 -40.07 3.01 -20.70
N TRP A 224 -40.42 3.79 -19.67
CA TRP A 224 -41.37 4.88 -19.83
C TRP A 224 -40.89 5.96 -20.83
N VAL A 225 -39.59 6.01 -21.13
CA VAL A 225 -39.08 7.02 -22.07
C VAL A 225 -39.48 6.66 -23.51
N ALA A 226 -39.44 5.38 -23.85
CA ALA A 226 -39.71 4.95 -25.22
C ALA A 226 -41.05 5.43 -25.79
N PRO A 227 -42.16 5.42 -25.05
CA PRO A 227 -43.37 6.12 -25.56
C PRO A 227 -43.11 7.57 -25.91
N LYS A 228 -42.44 8.32 -25.01
CA LYS A 228 -42.27 9.75 -25.23
C LYS A 228 -41.46 10.03 -26.47
N ALA A 229 -40.60 9.10 -26.88
CA ALA A 229 -39.80 9.28 -28.07
C ALA A 229 -40.67 9.53 -29.30
N ALA A 230 -41.85 8.90 -29.35
CA ALA A 230 -42.76 9.05 -30.49
C ALA A 230 -43.35 10.46 -30.56
N GLU A 231 -43.47 11.17 -29.43
CA GLU A 231 -44.16 12.45 -29.42
C GLU A 231 -43.40 13.56 -30.14
N SER A 232 -42.16 13.34 -30.55
CA SER A 232 -41.39 14.39 -31.20
C SER A 232 -40.25 13.75 -31.96
N ALA A 233 -39.72 14.49 -32.93
CA ALA A 233 -38.61 14.01 -33.75
C ALA A 233 -37.26 14.58 -33.34
N THR A 234 -37.23 15.73 -32.66
CA THR A 234 -35.97 16.33 -32.26
C THR A 234 -35.79 16.42 -30.76
N ARG A 235 -36.83 16.22 -29.95
CA ARG A 235 -36.70 16.52 -28.54
C ARG A 235 -35.63 15.60 -27.95
N PRO A 236 -34.60 16.14 -27.30
CA PRO A 236 -33.60 15.27 -26.67
C PRO A 236 -34.25 14.42 -25.59
N LEU A 237 -33.90 13.15 -25.58
CA LEU A 237 -34.52 12.24 -24.63
C LEU A 237 -33.74 12.15 -23.33
N ILE A 238 -32.46 11.81 -23.40
CA ILE A 238 -31.61 11.76 -22.20
C ILE A 238 -30.38 12.63 -22.44
N VAL A 239 -30.11 13.53 -21.51
CA VAL A 239 -28.88 14.33 -21.52
C VAL A 239 -28.00 13.79 -20.39
N ASP A 240 -26.85 13.21 -20.76
CA ASP A 240 -25.91 12.58 -19.82
C ASP A 240 -24.86 13.61 -19.42
N ILE A 241 -25.05 14.26 -18.26
CA ILE A 241 -24.25 15.41 -17.87
C ILE A 241 -22.98 14.92 -17.18
N GLY A 242 -21.82 15.17 -17.80
CA GLY A 242 -20.56 14.61 -17.33
C GLY A 242 -20.56 13.11 -17.56
N GLY A 243 -20.98 12.69 -18.75
CA GLY A 243 -21.18 11.28 -19.01
C GLY A 243 -19.96 10.52 -19.48
N ALA A 244 -18.76 11.12 -19.45
CA ALA A 244 -17.48 10.44 -19.73
C ALA A 244 -17.55 9.93 -21.18
N LYS A 245 -17.41 8.63 -21.45
CA LYS A 245 -17.51 8.21 -22.85
C LYS A 245 -18.86 7.61 -23.19
N GLY A 246 -19.89 7.93 -22.42
CA GLY A 246 -21.24 7.50 -22.72
C GLY A 246 -21.53 6.04 -22.45
N TRP A 247 -20.68 5.35 -21.69
CA TRP A 247 -20.93 3.94 -21.36
C TRP A 247 -22.34 3.74 -20.79
N THR A 248 -22.80 4.65 -19.93
CA THR A 248 -24.10 4.49 -19.32
C THR A 248 -25.22 4.69 -20.33
N LEU A 249 -25.07 5.66 -21.25
CA LEU A 249 -26.06 5.83 -22.31
C LEU A 249 -26.14 4.60 -23.20
N GLN A 250 -24.98 4.03 -23.54
CA GLN A 250 -24.98 2.82 -24.35
C GLN A 250 -25.69 1.69 -23.62
N ALA A 251 -25.48 1.59 -22.32
CA ALA A 251 -26.11 0.53 -21.54
C ALA A 251 -27.61 0.76 -21.41
N ILE A 252 -28.05 2.01 -21.26
CA ILE A 252 -29.48 2.28 -21.20
C ILE A 252 -30.14 1.95 -22.55
N CYS A 253 -29.50 2.37 -23.65
CA CYS A 253 -30.09 2.19 -24.97
C CYS A 253 -30.08 0.74 -25.43
N LYS A 254 -29.16 -0.07 -24.91
CA LYS A 254 -29.20 -1.50 -25.16
C LYS A 254 -30.32 -2.16 -24.38
N GLU A 255 -30.53 -1.73 -23.14
CA GLU A 255 -31.60 -2.28 -22.30
C GLU A 255 -32.99 -1.87 -22.80
N THR A 256 -33.12 -0.66 -23.36
CA THR A 256 -34.40 -0.18 -23.88
C THR A 256 -34.21 0.24 -25.33
N PRO A 257 -34.22 -0.73 -26.25
CA PRO A 257 -33.84 -0.43 -27.64
C PRO A 257 -34.70 0.62 -28.32
N GLU A 258 -35.87 0.93 -27.77
CA GLU A 258 -36.71 1.98 -28.33
C GLU A 258 -36.34 3.38 -27.88
N ILE A 259 -35.32 3.55 -27.05
CA ILE A 259 -34.68 4.85 -26.86
C ILE A 259 -33.51 4.93 -27.83
N PRO A 260 -33.60 5.73 -28.90
CA PRO A 260 -32.50 5.77 -29.87
C PRO A 260 -31.36 6.62 -29.32
N ILE A 261 -30.13 6.11 -29.39
CA ILE A 261 -29.00 6.87 -28.85
C ILE A 261 -28.83 8.18 -29.61
N SER A 262 -29.26 8.23 -30.88
CA SER A 262 -29.20 9.47 -31.66
C SER A 262 -30.03 10.59 -31.05
N ARG A 263 -30.98 10.26 -30.17
CA ARG A 263 -31.78 11.26 -29.47
C ARG A 263 -31.21 11.56 -28.09
N CYS A 264 -30.01 11.09 -27.80
CA CYS A 264 -29.41 11.33 -26.50
C CYS A 264 -28.21 12.25 -26.68
N VAL A 265 -27.91 13.00 -25.61
CA VAL A 265 -26.81 13.96 -25.60
C VAL A 265 -25.77 13.51 -24.57
N LEU A 266 -24.53 13.39 -25.00
CA LEU A 266 -23.39 13.07 -24.12
C LEU A 266 -22.61 14.38 -23.94
N GLN A 267 -22.60 14.90 -22.70
CA GLN A 267 -21.93 16.16 -22.40
C GLN A 267 -20.76 15.92 -21.47
N ASP A 268 -19.66 16.61 -21.74
CA ASP A 268 -18.50 16.57 -20.84
C ASP A 268 -17.61 17.77 -21.17
N LEU A 269 -16.49 17.90 -20.44
CA LEU A 269 -15.50 18.94 -20.77
C LEU A 269 -14.98 18.75 -22.18
N SER A 270 -14.57 19.88 -22.79
CA SER A 270 -14.07 19.84 -24.16
C SER A 270 -12.96 18.80 -24.36
N GLY A 271 -11.97 18.74 -23.46
CA GLY A 271 -10.91 17.75 -23.68
C GLY A 271 -11.37 16.31 -23.61
N VAL A 272 -12.37 16.04 -22.78
CA VAL A 272 -12.89 14.68 -22.65
C VAL A 272 -13.75 14.32 -23.86
N ILE A 273 -14.65 15.22 -24.25
CA ILE A 273 -15.56 14.91 -25.36
C ILE A 273 -14.79 14.80 -26.68
N GLN A 274 -13.70 15.56 -26.87
CA GLN A 274 -12.89 15.40 -28.08
C GLN A 274 -12.21 14.03 -28.14
N MET A 275 -11.79 13.51 -26.99
CA MET A 275 -11.19 12.18 -26.95
C MET A 275 -12.23 11.11 -27.22
N VAL A 276 -13.45 11.31 -26.70
CA VAL A 276 -14.52 10.35 -26.98
C VAL A 276 -14.72 10.24 -28.48
N GLN A 277 -14.61 11.36 -29.17
CA GLN A 277 -14.70 11.35 -30.63
C GLN A 277 -13.61 10.46 -31.23
N THR A 278 -12.41 10.46 -30.65
CA THR A 278 -11.32 9.71 -31.26
C THR A 278 -11.37 8.22 -30.90
N VAL A 279 -11.77 7.88 -29.67
CA VAL A 279 -11.73 6.47 -29.26
C VAL A 279 -13.11 5.81 -29.25
N GLY A 280 -14.20 6.58 -29.31
CA GLY A 280 -15.52 5.98 -29.19
C GLY A 280 -15.90 5.13 -30.40
N ASP A 281 -16.74 4.13 -30.15
CA ASP A 281 -17.22 3.31 -31.27
C ASP A 281 -18.28 4.07 -32.06
N GLU A 282 -18.74 3.44 -33.16
CA GLU A 282 -19.71 4.09 -34.04
C GLU A 282 -21.00 4.40 -33.31
N ASP A 283 -21.36 3.58 -32.34
CA ASP A 283 -22.63 3.73 -31.64
C ASP A 283 -22.68 5.05 -30.86
N ILE A 284 -21.68 5.28 -30.00
CA ILE A 284 -21.70 6.53 -29.24
C ILE A 284 -21.43 7.73 -30.14
N ARG A 285 -20.61 7.57 -31.19
CA ARG A 285 -20.37 8.68 -32.11
C ARG A 285 -21.63 9.07 -32.87
N SER A 286 -22.68 8.24 -32.86
CA SER A 286 -23.96 8.61 -33.46
C SER A 286 -24.89 9.36 -32.50
N ALA A 287 -24.52 9.43 -31.21
CA ALA A 287 -25.21 10.32 -30.27
C ALA A 287 -24.84 11.78 -30.51
N GLN A 288 -25.47 12.66 -29.78
CA GLN A 288 -25.10 14.07 -29.86
C GLN A 288 -24.02 14.32 -28.81
N LEU A 289 -22.77 14.41 -29.25
CA LEU A 289 -21.69 14.82 -28.34
C LEU A 289 -21.68 16.34 -28.17
N MET A 290 -21.29 16.81 -26.98
CA MET A 290 -21.39 18.24 -26.70
C MET A 290 -20.47 18.63 -25.56
N ALA A 291 -19.54 19.53 -25.84
CA ALA A 291 -18.71 20.15 -24.80
C ALA A 291 -19.56 21.10 -23.95
N ILE A 292 -19.44 21.01 -22.61
CA ILE A 292 -20.11 21.92 -21.69
C ILE A 292 -19.18 22.20 -20.51
N ASP A 293 -19.61 23.11 -19.65
CA ASP A 293 -19.03 23.25 -18.31
C ASP A 293 -20.18 23.30 -17.32
N PHE A 294 -20.41 22.18 -16.60
CA PHE A 294 -21.63 22.14 -15.82
C PHE A 294 -21.58 23.02 -14.57
N HIS A 295 -20.42 23.63 -14.28
CA HIS A 295 -20.38 24.62 -13.21
C HIS A 295 -21.04 25.91 -13.64
N LYS A 296 -21.26 26.10 -14.93
CA LYS A 296 -21.77 27.40 -15.36
C LYS A 296 -22.99 27.31 -16.25
N GLU A 297 -23.36 26.13 -16.74
CA GLU A 297 -24.37 26.12 -17.80
C GLU A 297 -25.01 24.75 -17.94
N GLN A 298 -26.25 24.75 -18.42
CA GLN A 298 -26.84 23.57 -19.07
C GLN A 298 -27.47 24.06 -20.37
N PRO A 299 -26.80 23.86 -21.51
CA PRO A 299 -27.24 24.52 -22.75
C PRO A 299 -28.36 23.80 -23.49
N VAL A 300 -28.74 22.59 -23.11
CA VAL A 300 -29.86 21.89 -23.76
C VAL A 300 -31.12 22.18 -22.95
N GLN A 301 -32.07 22.91 -23.54
CA GLN A 301 -33.30 23.29 -22.85
C GLN A 301 -34.43 22.32 -23.22
N GLY A 302 -35.17 21.88 -22.20
CA GLY A 302 -36.41 21.14 -22.41
C GLY A 302 -36.28 19.67 -22.69
N ALA A 303 -35.12 19.07 -22.41
CA ALA A 303 -34.96 17.63 -22.63
C ALA A 303 -35.88 16.83 -21.70
N LEU A 304 -36.15 15.57 -22.06
CA LEU A 304 -37.05 14.77 -21.24
C LEU A 304 -36.39 14.39 -19.91
N VAL A 305 -35.14 13.91 -19.97
CA VAL A 305 -34.41 13.46 -18.80
C VAL A 305 -33.03 14.12 -18.83
N TYR A 306 -32.64 14.73 -17.70
CA TYR A 306 -31.27 15.12 -17.41
C TYR A 306 -30.71 14.14 -16.38
N MET A 307 -29.67 13.40 -16.75
CA MET A 307 -29.08 12.39 -15.87
C MET A 307 -27.74 12.89 -15.35
N ILE A 308 -27.58 12.81 -14.04
CA ILE A 308 -26.41 13.34 -13.34
C ILE A 308 -25.85 12.17 -12.53
N ARG A 309 -24.94 11.44 -13.14
CA ARG A 309 -24.48 10.16 -12.64
C ARG A 309 -23.06 10.30 -12.09
N ARG A 310 -22.88 10.01 -10.82
CA ARG A 310 -21.56 10.06 -10.17
C ARG A 310 -20.85 11.39 -10.41
N ILE A 311 -21.62 12.46 -10.34
CA ILE A 311 -21.13 13.82 -10.41
C ILE A 311 -21.14 14.48 -9.03
N LEU A 312 -22.27 14.44 -8.33
CA LEU A 312 -22.41 15.23 -7.10
C LEU A 312 -21.40 14.79 -6.05
N ARG A 313 -21.04 13.50 -6.02
CA ARG A 313 -20.00 12.98 -5.11
C ARG A 313 -18.66 13.72 -5.24
N ASP A 314 -18.38 14.37 -6.37
CA ASP A 314 -17.12 15.06 -6.60
C ASP A 314 -17.11 16.49 -6.09
N PHE A 315 -18.20 16.97 -5.50
CA PHE A 315 -18.28 18.40 -5.14
C PHE A 315 -18.95 18.57 -3.79
N GLY A 316 -18.66 19.71 -3.17
CA GLY A 316 -19.28 20.07 -1.91
C GLY A 316 -20.72 20.54 -2.07
N ASP A 317 -21.39 20.69 -0.93
CA ASP A 317 -22.84 20.97 -0.94
C ASP A 317 -23.18 22.21 -1.79
N ASP A 318 -22.56 23.36 -1.49
CA ASP A 318 -22.94 24.58 -2.20
C ASP A 318 -22.68 24.44 -3.69
N GLU A 319 -21.58 23.80 -4.04
CA GLU A 319 -21.27 23.61 -5.46
C GLU A 319 -22.29 22.68 -6.13
N CYS A 320 -22.73 21.63 -5.41
CA CYS A 320 -23.77 20.77 -5.97
C CYS A 320 -25.06 21.55 -6.20
N VAL A 321 -25.42 22.42 -5.26
CA VAL A 321 -26.61 23.25 -5.48
C VAL A 321 -26.46 24.11 -6.72
N SER A 322 -25.28 24.70 -6.94
CA SER A 322 -25.09 25.56 -8.10
C SER A 322 -25.17 24.77 -9.41
N ILE A 323 -24.58 23.59 -9.44
CA ILE A 323 -24.69 22.71 -10.62
C ILE A 323 -26.15 22.35 -10.87
N LEU A 324 -26.86 21.94 -9.82
CA LEU A 324 -28.24 21.52 -10.05
C LEU A 324 -29.10 22.68 -10.53
N GLN A 325 -28.83 23.89 -10.02
CA GLN A 325 -29.64 25.04 -10.43
C GLN A 325 -29.57 25.29 -11.93
N HIS A 326 -28.40 25.16 -12.55
CA HIS A 326 -28.31 25.35 -14.00
C HIS A 326 -29.19 24.34 -14.73
N VAL A 327 -29.24 23.10 -14.26
CA VAL A 327 -30.07 22.09 -14.92
C VAL A 327 -31.56 22.39 -14.70
N VAL A 328 -31.93 22.75 -13.47
CA VAL A 328 -33.32 23.06 -13.18
C VAL A 328 -33.82 24.14 -14.12
N ALA A 329 -32.97 25.15 -14.38
CA ALA A 329 -33.37 26.26 -15.23
C ALA A 329 -33.59 25.80 -16.67
N ALA A 330 -32.98 24.68 -17.09
CA ALA A 330 -33.18 24.17 -18.44
C ALA A 330 -34.38 23.25 -18.56
N MET A 331 -34.95 22.83 -17.44
CA MET A 331 -35.99 21.82 -17.48
C MET A 331 -37.30 22.40 -17.98
N ALA A 332 -37.98 21.62 -18.82
CA ALA A 332 -39.38 21.83 -19.17
C ALA A 332 -40.27 21.33 -18.04
N PRO A 333 -41.57 21.69 -18.05
CA PRO A 333 -42.47 21.20 -16.97
C PRO A 333 -42.56 19.69 -16.84
N ASP A 334 -42.48 18.93 -17.94
CA ASP A 334 -42.52 17.47 -17.82
C ASP A 334 -41.13 16.84 -17.74
N SER A 335 -40.07 17.64 -17.61
CA SER A 335 -38.72 17.05 -17.55
C SER A 335 -38.48 16.39 -16.21
N LYS A 336 -37.59 15.39 -16.19
CA LYS A 336 -37.13 14.78 -14.94
C LYS A 336 -35.61 14.93 -14.83
N LEU A 337 -35.14 15.14 -13.61
CA LEU A 337 -33.71 15.22 -13.29
C LEU A 337 -33.37 13.99 -12.46
N LEU A 338 -32.49 13.15 -12.98
CA LEU A 338 -32.14 11.89 -12.33
C LEU A 338 -30.73 11.96 -11.77
N ILE A 339 -30.58 11.70 -10.47
CA ILE A 339 -29.26 11.66 -9.84
C ILE A 339 -28.96 10.20 -9.58
N ALA A 340 -27.94 9.66 -10.25
CA ALA A 340 -27.47 8.29 -9.97
C ALA A 340 -26.16 8.38 -9.19
N ASP A 341 -26.13 7.79 -8.00
CA ASP A 341 -24.90 7.94 -7.22
C ASP A 341 -24.91 6.95 -6.06
N THR A 342 -23.76 6.90 -5.40
CA THR A 342 -23.61 6.11 -4.19
C THR A 342 -24.46 6.76 -3.09
N VAL A 343 -25.24 5.94 -2.39
CA VAL A 343 -26.00 6.43 -1.24
C VAL A 343 -25.67 5.49 -0.10
N THR A 344 -25.00 6.00 0.91
CA THR A 344 -24.56 5.09 1.96
C THR A 344 -25.28 5.44 3.26
N GLY A 345 -25.00 4.67 4.31
CA GLY A 345 -25.54 4.93 5.62
C GLY A 345 -24.64 5.79 6.47
N ASN A 346 -24.94 5.83 7.76
CA ASN A 346 -24.14 6.60 8.71
C ASN A 346 -23.77 5.74 9.91
N PRO A 347 -22.48 5.47 10.15
CA PRO A 347 -21.38 5.94 9.29
C PRO A 347 -21.33 5.11 7.98
N PRO A 348 -20.53 5.55 7.01
CA PRO A 348 -20.50 4.86 5.72
C PRO A 348 -20.04 3.41 5.85
N SER A 349 -20.53 2.58 4.94
N SER A 349 -20.54 2.57 4.96
CA SER A 349 -20.06 1.21 4.78
CA SER A 349 -20.05 1.20 4.82
C SER A 349 -18.60 1.20 4.31
C SER A 349 -18.61 1.19 4.30
N TRP A 350 -18.01 0.00 4.26
CA TRP A 350 -16.57 -0.14 4.02
C TRP A 350 -16.13 0.55 2.71
N PHE A 351 -16.75 0.20 1.59
CA PHE A 351 -16.30 0.75 0.30
C PHE A 351 -16.59 2.23 0.19
N PRO A 352 -17.81 2.74 0.46
CA PRO A 352 -17.99 4.20 0.49
C PRO A 352 -17.13 4.89 1.53
N ALA A 353 -16.74 4.23 2.63
CA ALA A 353 -15.83 4.91 3.55
C ALA A 353 -14.47 5.17 2.91
N MET A 354 -13.95 4.18 2.19
CA MET A 354 -12.71 4.38 1.44
C MET A 354 -12.85 5.54 0.45
N LEU A 355 -13.95 5.53 -0.33
CA LEU A 355 -14.09 6.59 -1.33
C LEU A 355 -14.31 7.95 -0.69
N ASP A 356 -15.05 8.02 0.43
CA ASP A 356 -15.21 9.30 1.11
C ASP A 356 -13.87 9.94 1.44
N PHE A 357 -12.91 9.11 1.87
CA PHE A 357 -11.60 9.66 2.20
C PHE A 357 -10.89 10.13 0.94
N PHE A 358 -10.92 9.32 -0.13
CA PHE A 358 -10.35 9.77 -1.40
C PHE A 358 -10.99 11.06 -1.87
N LEU A 359 -12.33 11.14 -1.80
CA LEU A 359 -13.04 12.28 -2.36
C LEU A 359 -12.74 13.58 -1.62
N SER A 360 -12.36 13.51 -0.34
CA SER A 360 -11.91 14.72 0.34
C SER A 360 -10.77 15.45 -0.37
N THR A 361 -9.95 14.74 -1.15
CA THR A 361 -8.86 15.37 -1.91
C THR A 361 -9.34 16.11 -3.15
N ILE A 362 -10.60 15.98 -3.53
CA ILE A 362 -11.12 16.70 -4.69
C ILE A 362 -12.32 17.56 -4.32
N GLY A 363 -12.57 17.71 -3.01
CA GLY A 363 -13.64 18.55 -2.54
C GLY A 363 -14.99 17.88 -2.45
N GLY A 364 -15.06 16.56 -2.56
CA GLY A 364 -16.30 15.83 -2.52
C GLY A 364 -16.41 14.92 -1.30
N LYS A 365 -17.42 14.06 -1.34
CA LYS A 365 -17.77 13.25 -0.17
C LYS A 365 -18.80 12.23 -0.61
N GLU A 366 -18.90 11.15 0.16
CA GLU A 366 -20.02 10.23 0.02
C GLU A 366 -21.17 10.72 0.89
N ARG A 367 -22.41 10.46 0.47
CA ARG A 367 -23.58 11.07 1.15
C ARG A 367 -24.65 10.04 1.50
N THR A 368 -25.42 10.34 2.55
CA THR A 368 -26.60 9.57 2.88
C THR A 368 -27.80 10.06 2.06
N GLU A 369 -28.90 9.31 2.13
CA GLU A 369 -30.12 9.73 1.44
C GLU A 369 -30.58 11.10 1.93
N GLU A 370 -30.49 11.34 3.25
CA GLU A 370 -30.94 12.60 3.82
C GLU A 370 -30.06 13.76 3.35
N GLU A 371 -28.75 13.53 3.24
CA GLU A 371 -27.87 14.59 2.74
C GLU A 371 -28.21 14.94 1.29
N PHE A 372 -28.55 13.94 0.47
CA PHE A 372 -28.96 14.24 -0.90
C PHE A 372 -30.30 14.99 -0.91
N ARG A 373 -31.24 14.62 -0.02
CA ARG A 373 -32.52 15.34 0.03
C ARG A 373 -32.32 16.81 0.40
N LYS A 374 -31.40 17.12 1.30
CA LYS A 374 -31.23 18.54 1.63
C LYS A 374 -30.69 19.32 0.43
N ILE A 375 -29.83 18.71 -0.40
CA ILE A 375 -29.26 19.42 -1.56
C ILE A 375 -30.31 19.61 -2.64
N THR A 376 -31.10 18.57 -2.95
CA THR A 376 -32.11 18.74 -4.00
C THR A 376 -33.13 19.79 -3.60
N ALA A 377 -33.48 19.86 -2.30
CA ALA A 377 -34.37 20.90 -1.81
C ALA A 377 -33.80 22.30 -2.02
N ARG A 378 -32.53 22.51 -1.64
CA ARG A 378 -31.90 23.81 -1.86
C ARG A 378 -31.89 24.19 -3.33
N ALA A 379 -31.85 23.21 -4.24
CA ALA A 379 -31.85 23.44 -5.69
C ALA A 379 -33.25 23.60 -6.27
N GLY A 380 -34.29 23.51 -5.46
CA GLY A 380 -35.63 23.71 -5.99
C GLY A 380 -36.22 22.48 -6.64
N LEU A 381 -35.83 21.29 -6.17
CA LEU A 381 -36.29 20.02 -6.72
C LEU A 381 -37.16 19.30 -5.69
N ARG A 382 -38.12 18.55 -6.21
CA ARG A 382 -38.93 17.64 -5.43
C ARG A 382 -38.54 16.22 -5.83
N ILE A 383 -38.24 15.37 -4.85
CA ILE A 383 -37.90 13.97 -5.11
C ILE A 383 -39.18 13.16 -5.21
N THR A 384 -39.41 12.57 -6.37
CA THR A 384 -40.61 11.75 -6.60
C THR A 384 -40.37 10.27 -6.39
N GLY A 385 -39.11 9.82 -6.31
CA GLY A 385 -38.83 8.43 -5.97
C GLY A 385 -37.34 8.20 -5.82
N ILE A 386 -36.95 7.15 -5.11
CA ILE A 386 -35.55 6.77 -4.95
C ILE A 386 -35.49 5.27 -5.15
N HIS A 387 -34.81 4.84 -6.20
CA HIS A 387 -34.80 3.44 -6.58
C HIS A 387 -33.40 2.89 -6.31
N TYR A 388 -33.29 2.05 -5.27
CA TYR A 388 -32.01 1.49 -4.85
C TYR A 388 -31.69 0.22 -5.61
N SER A 389 -30.39 0.04 -5.89
CA SER A 389 -29.89 -1.24 -6.38
C SER A 389 -30.00 -2.28 -5.29
N ASP A 390 -30.37 -3.49 -5.69
CA ASP A 390 -30.36 -4.56 -4.70
C ASP A 390 -29.01 -5.22 -4.54
N LYS A 391 -27.97 -4.79 -5.28
CA LYS A 391 -26.64 -5.37 -5.12
C LYS A 391 -25.57 -4.38 -4.70
N ALA A 392 -25.91 -3.10 -4.57
CA ALA A 392 -24.91 -2.08 -4.28
C ALA A 392 -25.57 -0.92 -3.56
N GLU A 393 -24.79 -0.21 -2.75
CA GLU A 393 -25.25 1.01 -2.11
C GLU A 393 -25.25 2.12 -3.17
N PHE A 394 -26.24 2.05 -4.05
CA PHE A 394 -26.30 2.89 -5.24
C PHE A 394 -27.79 3.06 -5.57
N ALA A 395 -28.18 4.26 -6.01
CA ALA A 395 -29.59 4.54 -6.24
C ALA A 395 -29.77 5.55 -7.37
N MET A 396 -30.98 5.53 -7.96
CA MET A 396 -31.49 6.61 -8.81
C MET A 396 -32.47 7.46 -7.99
N ILE A 397 -32.16 8.74 -7.85
CA ILE A 397 -33.00 9.72 -7.17
C ILE A 397 -33.74 10.48 -8.26
N VAL A 398 -35.06 10.29 -8.35
CA VAL A 398 -35.85 10.89 -9.43
C VAL A 398 -36.47 12.20 -8.93
N CYS A 399 -36.23 13.28 -9.66
CA CYS A 399 -36.58 14.63 -9.24
C CYS A 399 -37.38 15.38 -10.32
N GLU A 400 -38.23 16.29 -9.87
CA GLU A 400 -38.80 17.27 -10.78
C GLU A 400 -38.77 18.63 -10.09
N LYS A 401 -39.02 19.68 -10.88
CA LYS A 401 -39.09 21.03 -10.35
C LYS A 401 -40.15 21.10 -9.27
N ALA A 402 -39.83 21.77 -8.17
CA ALA A 402 -40.79 21.96 -7.08
C ALA A 402 -42.00 22.79 -7.54
N SER B 10 -8.94 -23.67 5.35
CA SER B 10 -10.23 -23.63 4.69
C SER B 10 -11.20 -22.78 5.50
N LEU B 11 -12.39 -22.51 4.97
CA LEU B 11 -13.40 -21.78 5.74
C LEU B 11 -13.67 -22.49 7.07
N ASP B 12 -13.78 -23.81 7.04
CA ASP B 12 -14.10 -24.53 8.27
C ASP B 12 -12.95 -24.51 9.26
N THR B 13 -11.70 -24.62 8.79
CA THR B 13 -10.63 -24.62 9.78
C THR B 13 -10.41 -23.23 10.34
N LEU B 14 -10.68 -22.19 9.54
CA LEU B 14 -10.70 -20.83 10.08
C LEU B 14 -11.78 -20.68 11.16
N ALA B 15 -13.00 -21.14 10.85
CA ALA B 15 -14.05 -21.17 11.86
C ALA B 15 -13.60 -21.90 13.14
N ALA B 16 -12.95 -23.06 13.00
CA ALA B 16 -12.49 -23.84 14.15
C ALA B 16 -11.50 -23.04 14.99
N LYS B 17 -10.59 -22.33 14.34
CA LYS B 17 -9.65 -21.52 15.10
C LYS B 17 -10.36 -20.34 15.79
N LEU B 18 -11.42 -19.80 15.22
CA LEU B 18 -12.16 -18.74 15.91
C LEU B 18 -12.92 -19.30 17.10
N ILE B 19 -13.65 -20.41 16.88
CA ILE B 19 -14.38 -21.06 17.98
C ILE B 19 -13.44 -21.35 19.13
N GLU B 20 -12.25 -21.86 18.84
CA GLU B 20 -11.29 -22.14 19.88
C GLU B 20 -10.82 -20.87 20.58
N LYS B 21 -10.51 -19.82 19.82
CA LYS B 21 -10.13 -18.55 20.44
C LYS B 21 -11.25 -18.06 21.35
N ALA B 22 -12.48 -18.05 20.86
CA ALA B 22 -13.60 -17.53 21.63
C ALA B 22 -13.84 -18.36 22.90
N LYS B 23 -13.72 -19.68 22.79
CA LYS B 23 -13.89 -20.52 23.97
C LYS B 23 -12.76 -20.29 24.98
N ASP B 24 -11.51 -20.24 24.51
CA ASP B 24 -10.38 -20.06 25.43
C ASP B 24 -10.43 -18.71 26.14
N LEU B 25 -10.93 -17.67 25.48
CA LEU B 25 -11.05 -16.37 26.13
C LEU B 25 -12.15 -16.38 27.20
N ARG B 26 -13.28 -17.04 26.90
CA ARG B 26 -14.28 -17.26 27.94
C ARG B 26 -13.75 -18.09 29.11
N ALA B 27 -12.58 -18.71 28.98
CA ALA B 27 -11.98 -19.47 30.06
C ALA B 27 -10.82 -18.73 30.71
N GLY B 28 -10.63 -17.45 30.42
CA GLY B 28 -9.53 -16.71 31.01
C GLY B 28 -8.16 -17.20 30.60
N ASN B 29 -8.05 -17.82 29.44
CA ASN B 29 -6.77 -18.28 28.92
C ASN B 29 -6.44 -17.41 27.70
N SER B 30 -5.37 -16.62 27.81
CA SER B 30 -5.03 -15.71 26.72
C SER B 30 -4.43 -16.49 25.55
N THR B 31 -4.35 -15.83 24.40
CA THR B 31 -3.94 -16.49 23.18
C THR B 31 -2.43 -16.71 23.13
N THR B 32 -2.03 -17.90 22.71
CA THR B 32 -0.63 -18.19 22.44
C THR B 32 -0.15 -17.35 21.26
N PRO B 33 1.14 -16.97 21.24
CA PRO B 33 1.69 -16.40 20.00
C PRO B 33 1.61 -17.35 18.83
N GLN B 34 1.95 -18.64 19.09
CA GLN B 34 1.72 -19.72 18.14
C GLN B 34 0.28 -19.75 17.67
N GLN B 35 -0.66 -19.74 18.61
CA GLN B 35 -2.06 -19.76 18.24
C GLN B 35 -2.42 -18.55 17.37
N HIS B 36 -1.86 -17.37 17.72
CA HIS B 36 -2.18 -16.15 16.97
C HIS B 36 -1.67 -16.24 15.54
N GLU B 37 -0.41 -16.62 15.34
CA GLU B 37 0.14 -16.70 13.99
C GLU B 37 -0.60 -17.74 13.14
N ALA B 38 -1.02 -18.85 13.76
CA ALA B 38 -1.80 -19.84 13.02
C ALA B 38 -3.16 -19.29 12.60
N LEU B 39 -3.80 -18.49 13.46
CA LEU B 39 -5.08 -17.92 13.10
C LEU B 39 -4.93 -16.90 11.97
N VAL B 40 -3.94 -15.99 12.08
CA VAL B 40 -3.81 -14.98 11.03
C VAL B 40 -3.32 -15.61 9.71
N GLY B 41 -2.51 -16.66 9.80
CA GLY B 41 -2.09 -17.37 8.59
C GLY B 41 -3.24 -18.04 7.87
N THR B 42 -4.15 -18.69 8.63
CA THR B 42 -5.32 -19.32 8.03
C THR B 42 -6.26 -18.29 7.42
N LEU B 43 -6.47 -17.16 8.12
CA LEU B 43 -7.27 -16.07 7.57
C LEU B 43 -6.73 -15.62 6.20
N LYS B 44 -5.42 -15.45 6.12
CA LYS B 44 -4.78 -14.98 4.89
C LYS B 44 -4.97 -15.99 3.76
N GLN B 45 -4.77 -17.27 4.06
CA GLN B 45 -5.07 -18.35 3.14
C GLN B 45 -6.50 -18.28 2.64
N VAL B 46 -7.45 -18.09 3.55
CA VAL B 46 -8.85 -18.07 3.14
C VAL B 46 -9.13 -16.82 2.32
N GLN B 47 -8.57 -15.68 2.75
CA GLN B 47 -8.74 -14.46 1.96
C GLN B 47 -8.16 -14.64 0.56
N ASP B 48 -6.97 -15.25 0.46
CA ASP B 48 -6.38 -15.42 -0.87
C ASP B 48 -7.24 -16.33 -1.73
N ALA B 49 -7.92 -17.31 -1.14
CA ALA B 49 -8.77 -18.20 -1.90
C ALA B 49 -10.10 -17.56 -2.29
N VAL B 50 -10.66 -16.69 -1.44
CA VAL B 50 -11.98 -16.12 -1.67
C VAL B 50 -11.91 -14.83 -2.49
N TYR B 51 -10.95 -13.96 -2.19
CA TYR B 51 -10.92 -12.65 -2.85
C TYR B 51 -10.71 -12.79 -4.36
N LEU B 52 -11.48 -12.05 -5.12
CA LEU B 52 -11.27 -11.89 -6.56
C LEU B 52 -10.31 -10.73 -6.81
N PRO B 53 -9.79 -10.57 -8.02
CA PRO B 53 -8.85 -9.45 -8.25
C PRO B 53 -9.45 -8.11 -7.87
N ARG B 54 -10.74 -7.87 -8.10
CA ARG B 54 -11.29 -6.60 -7.66
C ARG B 54 -11.24 -6.46 -6.13
N ASP B 55 -11.38 -7.58 -5.40
CA ASP B 55 -11.27 -7.50 -3.95
C ASP B 55 -9.83 -7.23 -3.55
N ASP B 56 -8.87 -7.91 -4.19
CA ASP B 56 -7.46 -7.68 -3.87
C ASP B 56 -7.12 -6.21 -4.04
N LEU B 57 -7.56 -5.63 -5.16
CA LEU B 57 -7.13 -4.27 -5.49
C LEU B 57 -7.83 -3.26 -4.60
N ALA B 58 -9.11 -3.50 -4.28
CA ALA B 58 -9.78 -2.57 -3.37
C ALA B 58 -9.18 -2.64 -1.98
N ALA B 59 -8.79 -3.84 -1.53
CA ALA B 59 -8.16 -3.96 -0.21
C ALA B 59 -6.83 -3.23 -0.19
N MET B 60 -6.07 -3.29 -1.28
CA MET B 60 -4.82 -2.55 -1.36
C MET B 60 -5.05 -1.05 -1.29
N GLN B 61 -6.05 -0.55 -2.01
CA GLN B 61 -6.31 0.88 -1.99
C GLN B 61 -6.80 1.31 -0.61
N MET B 62 -7.60 0.46 0.04
CA MET B 62 -8.01 0.78 1.42
C MET B 62 -6.79 0.89 2.34
N GLY B 63 -5.78 0.03 2.12
CA GLY B 63 -4.54 0.15 2.90
C GLY B 63 -3.89 1.51 2.75
N PHE B 64 -3.89 2.09 1.54
CA PHE B 64 -3.29 3.41 1.37
C PHE B 64 -4.05 4.44 2.20
N VAL B 65 -5.39 4.40 2.16
CA VAL B 65 -6.12 5.46 2.84
C VAL B 65 -6.14 5.22 4.35
N THR B 66 -6.16 3.97 4.83
CA THR B 66 -6.07 3.82 6.29
C THR B 66 -4.71 4.31 6.80
N ALA B 67 -3.63 4.04 6.06
CA ALA B 67 -2.34 4.59 6.48
C ALA B 67 -2.32 6.11 6.41
N ALA B 68 -2.88 6.71 5.34
CA ALA B 68 -2.89 8.18 5.26
C ALA B 68 -3.73 8.78 6.38
N ALA B 69 -4.83 8.13 6.75
CA ALA B 69 -5.65 8.66 7.84
C ALA B 69 -4.90 8.57 9.18
N ILE B 70 -4.23 7.45 9.41
CA ILE B 70 -3.42 7.33 10.63
C ILE B 70 -2.35 8.42 10.64
N ARG B 71 -1.68 8.64 9.50
CA ARG B 71 -0.63 9.66 9.44
C ARG B 71 -1.19 11.05 9.73
N LEU B 72 -2.36 11.36 9.20
CA LEU B 72 -2.92 12.68 9.43
C LEU B 72 -3.36 12.86 10.88
N LEU B 73 -3.94 11.81 11.48
CA LEU B 73 -4.35 11.94 12.87
C LEU B 73 -3.13 11.99 13.79
N LEU B 74 -2.03 11.32 13.42
CA LEU B 74 -0.76 11.49 14.13
C LEU B 74 -0.29 12.93 14.05
N HIS B 75 -0.33 13.52 12.86
CA HIS B 75 0.09 14.91 12.70
C HIS B 75 -0.75 15.86 13.55
N TRP B 76 -2.05 15.63 13.63
CA TRP B 76 -2.99 16.47 14.37
C TRP B 76 -3.00 16.16 15.87
N LYS B 77 -2.21 15.21 16.31
CA LYS B 77 -2.15 14.81 17.72
C LYS B 77 -3.49 14.28 18.22
N VAL B 78 -4.25 13.59 17.35
CA VAL B 78 -5.59 13.14 17.76
C VAL B 78 -5.52 11.90 18.64
N PHE B 79 -4.62 10.97 18.32
CA PHE B 79 -4.57 9.75 19.10
C PHE B 79 -4.17 10.02 20.55
N GLU B 80 -3.36 11.07 20.78
CA GLU B 80 -3.01 11.44 22.14
C GLU B 80 -4.21 11.96 22.91
N LYS B 81 -5.16 12.59 22.22
CA LYS B 81 -6.31 13.17 22.89
C LYS B 81 -7.45 12.18 23.11
N ILE B 82 -7.51 11.09 22.37
CA ILE B 82 -8.46 10.02 22.69
C ILE B 82 -7.90 9.25 23.88
N PRO B 83 -8.66 9.12 24.97
CA PRO B 83 -8.11 8.49 26.18
C PRO B 83 -7.92 7.00 26.01
N ASP B 84 -6.95 6.46 26.75
CA ASP B 84 -6.62 5.03 26.68
C ASP B 84 -7.85 4.16 26.92
N THR B 85 -8.74 4.61 27.81
CA THR B 85 -9.97 3.90 28.10
C THR B 85 -11.12 4.89 28.02
N GLY B 86 -12.32 4.38 27.81
CA GLY B 86 -13.48 5.25 27.71
C GLY B 86 -13.63 5.89 26.35
N SER B 87 -13.98 7.17 26.30
CA SER B 87 -14.24 7.80 25.01
C SER B 87 -14.12 9.31 25.15
N ILE B 88 -14.19 10.00 24.01
CA ILE B 88 -14.21 11.44 23.95
C ILE B 88 -15.18 11.86 22.86
N ARG B 89 -15.88 12.97 23.07
CA ARG B 89 -16.82 13.42 22.07
C ARG B 89 -16.07 14.05 20.90
N TYR B 90 -16.63 13.88 19.69
CA TYR B 90 -15.97 14.47 18.54
C TYR B 90 -15.84 15.98 18.70
N GLU B 91 -16.89 16.62 19.22
CA GLU B 91 -16.83 18.07 19.45
C GLU B 91 -15.69 18.44 20.38
N GLU B 92 -15.49 17.65 21.44
CA GLU B 92 -14.42 17.98 22.38
C GLU B 92 -13.07 17.70 21.76
N LEU B 93 -12.96 16.61 21.01
CA LEU B 93 -11.74 16.32 20.26
C LEU B 93 -11.38 17.47 19.33
N ALA B 94 -12.37 17.99 18.60
CA ALA B 94 -12.09 19.06 17.65
C ALA B 94 -11.64 20.34 18.35
N THR B 95 -12.27 20.67 19.47
CA THR B 95 -11.83 21.83 20.25
C THR B 95 -10.37 21.70 20.67
N GLN B 96 -9.96 20.52 21.13
CA GLN B 96 -8.59 20.39 21.63
C GLN B 96 -7.58 20.39 20.49
N VAL B 97 -7.97 19.86 19.34
CA VAL B 97 -7.14 19.91 18.15
C VAL B 97 -7.12 21.30 17.55
N GLY B 98 -8.17 22.08 17.74
CA GLY B 98 -8.26 23.36 17.07
C GLY B 98 -8.64 23.23 15.61
N GLY B 99 -9.59 22.34 15.31
CA GLY B 99 -10.03 22.19 13.94
C GLY B 99 -11.50 21.85 13.87
N ASP B 100 -11.96 21.76 12.63
CA ASP B 100 -13.36 21.56 12.28
C ASP B 100 -13.81 20.17 12.65
N VAL B 101 -14.89 20.08 13.46
CA VAL B 101 -15.39 18.76 13.87
C VAL B 101 -15.80 17.90 12.66
N VAL B 102 -16.27 18.52 11.58
CA VAL B 102 -16.77 17.74 10.46
C VAL B 102 -15.65 16.91 9.81
N ILE B 103 -14.54 17.57 9.45
CA ILE B 103 -13.45 16.85 8.80
C ILE B 103 -12.77 15.91 9.79
N ILE B 104 -12.61 16.32 11.05
CA ILE B 104 -12.02 15.40 12.02
C ILE B 104 -12.88 14.14 12.16
N THR B 105 -14.21 14.32 12.21
CA THR B 105 -15.09 13.17 12.29
C THR B 105 -14.97 12.28 11.04
N ARG B 106 -14.91 12.88 9.84
CA ARG B 106 -14.85 12.08 8.62
C ARG B 106 -13.60 11.23 8.58
N ILE B 107 -12.47 11.78 9.03
CA ILE B 107 -11.22 11.00 9.07
C ILE B 107 -11.35 9.86 10.09
N CYS B 108 -11.87 10.18 11.28
CA CYS B 108 -12.08 9.11 12.27
C CYS B 108 -13.02 8.02 11.73
N TRP B 109 -14.07 8.40 10.99
CA TRP B 109 -15.01 7.41 10.48
C TRP B 109 -14.35 6.39 9.57
N LEU B 110 -13.33 6.80 8.80
CA LEU B 110 -12.61 5.80 8.01
C LEU B 110 -12.02 4.74 8.92
N LEU B 111 -11.38 5.17 10.00
CA LEU B 111 -10.76 4.21 10.91
C LEU B 111 -11.82 3.45 11.73
N VAL B 112 -12.99 4.03 11.97
CA VAL B 112 -14.09 3.25 12.55
C VAL B 112 -14.54 2.15 11.58
N ALA B 113 -14.67 2.46 10.28
CA ALA B 113 -15.13 1.46 9.31
C ALA B 113 -14.14 0.31 9.12
N THR B 114 -12.87 0.52 9.40
CA THR B 114 -11.86 -0.51 9.24
C THR B 114 -11.42 -1.12 10.58
N GLY B 115 -12.16 -0.86 11.65
CA GLY B 115 -11.94 -1.46 12.95
C GLY B 115 -10.78 -0.93 13.74
N PHE B 116 -10.21 0.20 13.36
CA PHE B 116 -9.08 0.73 14.14
C PHE B 116 -9.57 1.52 15.34
N LEU B 117 -10.57 2.34 15.16
CA LEU B 117 -11.24 3.03 16.24
C LEU B 117 -12.66 2.48 16.38
N VAL B 118 -13.32 2.83 17.49
CA VAL B 118 -14.70 2.48 17.72
C VAL B 118 -15.50 3.70 18.18
N GLN B 119 -16.78 3.73 17.83
CA GLN B 119 -17.69 4.78 18.24
C GLN B 119 -18.58 4.29 19.38
N GLU B 120 -18.71 5.10 20.44
CA GLU B 120 -19.54 4.63 21.54
C GLU B 120 -21.01 4.92 21.25
N GLY B 121 -21.33 6.14 20.86
CA GLY B 121 -22.66 6.37 20.33
C GLY B 121 -22.50 6.89 18.93
N SER B 122 -23.35 7.83 18.54
CA SER B 122 -23.08 8.62 17.35
C SER B 122 -22.15 9.80 17.63
N ASP B 123 -21.82 10.04 18.91
CA ASP B 123 -21.17 11.28 19.35
C ASP B 123 -19.73 11.12 19.78
N ARG B 124 -19.26 9.89 20.04
CA ARG B 124 -18.03 9.68 20.78
C ARG B 124 -17.17 8.62 20.09
N VAL B 125 -15.87 8.73 20.30
CA VAL B 125 -14.90 7.85 19.67
C VAL B 125 -13.94 7.32 20.73
N ALA B 126 -13.46 6.08 20.53
CA ALA B 126 -12.60 5.39 21.47
C ALA B 126 -11.48 4.64 20.75
N HIS B 127 -10.37 4.47 21.44
CA HIS B 127 -9.28 3.62 21.00
C HIS B 127 -9.70 2.16 20.94
N THR B 128 -9.00 1.40 20.11
CA THR B 128 -8.92 -0.05 20.23
C THR B 128 -7.47 -0.40 20.43
N ALA B 129 -7.21 -1.70 20.67
CA ALA B 129 -5.83 -2.16 20.78
C ALA B 129 -5.01 -1.81 19.53
N ARG B 130 -5.67 -1.70 18.39
CA ARG B 130 -4.95 -1.37 17.16
C ARG B 130 -4.47 0.07 17.09
N THR B 131 -5.05 1.00 17.86
CA THR B 131 -4.62 2.40 17.81
C THR B 131 -3.90 2.90 19.06
N ARG B 132 -3.97 2.17 20.19
CA ARG B 132 -3.23 2.64 21.37
C ARG B 132 -1.74 2.89 21.13
N PRO B 133 -1.00 2.06 20.36
CA PRO B 133 0.41 2.38 20.12
C PRO B 133 0.65 3.72 19.46
N PHE B 134 -0.37 4.34 18.86
CA PHE B 134 -0.17 5.63 18.21
C PHE B 134 -0.33 6.79 19.16
N ALA B 135 -0.77 6.56 20.39
CA ALA B 135 -1.10 7.64 21.31
C ALA B 135 0.07 8.10 22.16
N GLY B 136 1.27 7.60 21.94
CA GLY B 136 2.40 8.10 22.68
C GLY B 136 3.72 7.63 22.10
N VAL B 137 4.78 7.81 22.88
CA VAL B 137 6.12 7.41 22.47
C VAL B 137 6.31 5.92 22.68
N ASN B 138 6.86 5.24 21.66
CA ASN B 138 7.21 3.82 21.75
C ASN B 138 7.83 3.35 20.43
N PRO B 139 8.53 2.22 20.43
CA PRO B 139 9.24 1.81 19.20
C PRO B 139 8.32 1.53 18.03
N LEU B 140 7.12 1.01 18.28
CA LEU B 140 6.23 0.70 17.17
C LEU B 140 5.82 1.96 16.42
N ARG B 141 5.51 3.02 17.15
CA ARG B 141 5.09 4.27 16.51
C ARG B 141 6.24 4.90 15.73
N ALA B 142 7.47 4.81 16.26
CA ALA B 142 8.64 5.30 15.53
C ALA B 142 8.92 4.46 14.31
N TRP B 143 8.84 3.13 14.44
CA TRP B 143 9.00 2.25 13.28
C TRP B 143 7.94 2.55 12.22
N TRP B 144 6.71 2.81 12.65
CA TRP B 144 5.62 3.10 11.73
C TRP B 144 5.88 4.39 10.96
N LEU B 145 6.22 5.46 11.68
CA LEU B 145 6.49 6.76 11.06
C LEU B 145 7.73 6.75 10.18
N MET B 146 8.73 5.95 10.51
CA MET B 146 9.93 5.90 9.67
C MET B 146 9.64 5.17 8.36
N GLY B 147 8.91 4.06 8.42
CA GLY B 147 8.50 3.41 7.19
C GLY B 147 7.64 4.29 6.32
N TYR B 148 6.69 5.00 6.93
CA TYR B 148 5.79 5.83 6.14
C TYR B 148 6.51 7.06 5.58
N ASP B 149 7.13 7.86 6.45
CA ASP B 149 7.65 9.15 6.00
C ASP B 149 8.89 9.00 5.13
N GLU B 150 9.73 8.01 5.43
CA GLU B 150 10.98 7.86 4.72
C GLU B 150 10.90 6.88 3.56
N TYR B 151 10.03 5.88 3.61
CA TYR B 151 10.08 4.92 2.51
C TYR B 151 8.98 5.10 1.48
N VAL B 152 7.75 5.43 1.87
CA VAL B 152 6.65 5.50 0.88
C VAL B 152 6.97 6.46 -0.26
N PRO B 153 7.55 7.66 -0.03
CA PRO B 153 7.86 8.52 -1.20
C PRO B 153 8.94 7.94 -2.10
N VAL B 154 9.88 7.18 -1.54
CA VAL B 154 10.89 6.53 -2.35
C VAL B 154 10.28 5.46 -3.23
N LEU B 155 9.39 4.64 -2.65
CA LEU B 155 8.65 3.65 -3.44
C LEU B 155 7.90 4.33 -4.59
N LEU B 156 7.21 5.45 -4.32
CA LEU B 156 6.46 6.14 -5.38
C LEU B 156 7.37 6.72 -6.44
N ALA B 157 8.62 7.05 -6.10
CA ALA B 157 9.60 7.59 -7.02
C ALA B 157 10.31 6.54 -7.89
N MET B 158 10.08 5.24 -7.64
CA MET B 158 10.87 4.24 -8.35
C MET B 158 10.66 4.25 -9.86
N PRO B 159 9.42 4.35 -10.40
CA PRO B 159 9.33 4.37 -11.87
C PRO B 159 10.14 5.50 -12.48
N ARG B 160 10.09 6.69 -11.87
CA ARG B 160 10.89 7.82 -12.35
C ARG B 160 12.38 7.57 -12.18
N TYR B 161 12.79 6.93 -11.08
CA TYR B 161 14.19 6.58 -10.92
C TYR B 161 14.68 5.70 -12.07
N TYR B 162 13.96 4.61 -12.34
CA TYR B 162 14.45 3.69 -13.37
C TYR B 162 14.28 4.29 -14.76
N ASP B 163 13.36 5.25 -14.94
CA ASP B 163 13.33 6.02 -16.20
C ASP B 163 14.63 6.76 -16.40
N THR B 164 15.19 7.29 -15.32
CA THR B 164 16.37 8.14 -15.38
C THR B 164 17.64 7.32 -15.54
N TYR B 165 17.75 6.22 -14.78
CA TYR B 165 18.99 5.46 -14.73
C TYR B 165 18.97 4.17 -15.55
N GLY B 166 17.83 3.79 -16.13
CA GLY B 166 17.67 2.52 -16.80
C GLY B 166 17.22 1.41 -15.86
N ILE B 167 16.61 0.39 -16.45
CA ILE B 167 16.18 -0.78 -15.69
C ILE B 167 17.44 -1.59 -15.38
N LYS B 168 18.15 -1.21 -14.32
CA LYS B 168 19.38 -1.82 -13.88
C LYS B 168 19.36 -1.90 -12.38
N GLU B 169 20.00 -2.91 -11.85
CA GLU B 169 20.14 -3.07 -10.43
C GLU B 169 20.86 -1.86 -9.80
N PRO B 170 20.25 -1.18 -8.83
CA PRO B 170 20.95 -0.05 -8.18
C PRO B 170 22.05 -0.57 -7.27
N THR B 171 23.30 -0.23 -7.54
CA THR B 171 24.34 -0.84 -6.71
C THR B 171 25.29 0.12 -6.01
N GLY B 172 25.40 1.38 -6.41
CA GLY B 172 26.39 2.20 -5.72
C GLY B 172 25.86 2.88 -4.43
N ARG B 173 26.80 3.52 -3.71
CA ARG B 173 26.45 4.44 -2.63
CA ARG B 173 26.41 4.42 -2.64
C ARG B 173 26.05 5.80 -3.16
N LEU B 174 26.37 6.10 -4.41
CA LEU B 174 25.91 7.30 -5.09
C LEU B 174 24.74 6.95 -6.01
N HIS B 175 23.96 7.98 -6.34
CA HIS B 175 22.78 7.81 -7.17
C HIS B 175 21.85 6.71 -6.67
N THR B 176 21.68 6.66 -5.34
CA THR B 176 20.69 5.75 -4.76
C THR B 176 19.28 6.24 -5.05
N ILE B 177 18.31 5.29 -5.00
CA ILE B 177 16.91 5.72 -5.13
C ILE B 177 16.56 6.70 -4.02
N LYS B 178 17.06 6.45 -2.81
CA LYS B 178 16.76 7.35 -1.69
C LYS B 178 17.25 8.77 -1.99
N ALA B 179 18.52 8.89 -2.38
CA ALA B 179 19.10 10.22 -2.61
C ALA B 179 18.46 10.89 -3.81
N PHE B 180 18.16 10.11 -4.85
CA PHE B 180 17.38 10.61 -5.97
C PHE B 180 16.04 11.20 -5.51
N THR B 181 15.32 10.46 -4.65
CA THR B 181 14.05 10.93 -4.12
C THR B 181 14.23 12.24 -3.35
N GLU B 182 15.32 12.36 -2.60
CA GLU B 182 15.63 13.55 -1.83
C GLU B 182 16.05 14.72 -2.71
N GLY B 183 16.34 14.46 -3.97
CA GLY B 183 16.76 15.50 -4.87
C GLY B 183 18.25 15.69 -4.93
N SER B 184 19.04 14.81 -4.29
CA SER B 184 20.51 14.95 -4.27
C SER B 184 21.22 13.65 -4.66
N PRO B 185 20.96 13.11 -5.85
CA PRO B 185 21.53 11.79 -6.22
C PRO B 185 23.04 11.74 -6.22
N GLU B 186 23.69 12.89 -6.37
CA GLU B 186 25.14 12.98 -6.39
C GLU B 186 25.76 12.89 -4.99
N LEU B 187 24.95 12.87 -3.93
CA LEU B 187 25.43 12.69 -2.56
C LEU B 187 25.07 11.31 -2.03
N THR B 188 25.86 10.86 -1.05
CA THR B 188 25.51 9.63 -0.35
C THR B 188 24.34 9.88 0.59
N VAL B 189 23.63 8.80 0.93
CA VAL B 189 22.58 8.90 1.93
C VAL B 189 23.14 9.43 3.24
N GLY B 190 24.41 9.14 3.51
CA GLY B 190 25.04 9.67 4.71
C GLY B 190 25.27 11.16 4.67
N GLU B 191 25.69 11.70 3.51
CA GLU B 191 25.85 13.14 3.39
C GLU B 191 24.51 13.84 3.51
N ILE B 192 23.45 13.23 2.96
CA ILE B 192 22.11 13.81 3.05
C ILE B 192 21.62 13.78 4.48
N MET B 193 21.72 12.63 5.14
CA MET B 193 21.24 12.56 6.51
C MET B 193 22.04 13.47 7.44
N SER B 194 23.27 13.82 7.09
CA SER B 194 24.05 14.71 7.96
C SER B 194 23.48 16.12 7.99
N ARG B 195 22.63 16.45 7.03
CA ARG B 195 21.94 17.74 6.99
C ARG B 195 20.57 17.70 7.62
N HIS B 196 20.20 16.57 8.20
CA HIS B 196 18.87 16.34 8.73
C HIS B 196 19.03 15.71 10.11
N PRO B 197 19.26 16.53 11.15
CA PRO B 197 19.44 15.98 12.52
C PRO B 197 18.31 15.08 13.02
N GLU B 198 17.06 15.55 13.00
CA GLU B 198 15.93 14.78 13.56
C GLU B 198 15.75 13.45 12.82
N ARG B 199 15.77 13.50 11.49
CA ARG B 199 15.62 12.27 10.72
C ARG B 199 16.81 11.35 10.94
N THR B 200 18.02 11.89 11.13
CA THR B 200 19.16 11.03 11.46
C THR B 200 18.97 10.38 12.82
N ALA B 201 18.33 11.09 13.75
CA ALA B 201 18.04 10.52 15.06
C ALA B 201 17.08 9.32 14.94
N ASN B 202 16.02 9.47 14.14
CA ASN B 202 15.05 8.39 14.00
C ASN B 202 15.55 7.24 13.15
N MET B 203 16.47 7.49 12.21
CA MET B 203 17.09 6.39 11.48
C MET B 203 18.00 5.57 12.37
N LEU B 204 18.59 6.18 13.41
CA LEU B 204 19.40 5.42 14.36
C LEU B 204 18.55 4.61 15.32
N ILE B 205 17.41 5.14 15.75
CA ILE B 205 16.44 4.34 16.51
C ILE B 205 15.99 3.12 15.71
N SER B 206 15.73 3.32 14.41
CA SER B 206 15.06 2.29 13.64
C SER B 206 15.94 1.07 13.43
N MET B 207 17.18 1.26 12.96
CA MET B 207 18.00 0.11 12.59
C MET B 207 18.73 -0.52 13.77
N SER B 208 18.75 0.15 14.93
CA SER B 208 19.05 -0.56 16.17
C SER B 208 17.90 -1.46 16.57
N ALA B 209 16.66 -1.04 16.35
CA ALA B 209 15.52 -1.93 16.56
C ALA B 209 15.50 -3.07 15.54
N MET B 210 16.08 -2.86 14.35
CA MET B 210 16.10 -3.92 13.34
C MET B 210 17.04 -5.05 13.74
N ALA B 211 18.21 -4.70 14.29
CA ALA B 211 19.16 -5.70 14.77
C ALA B 211 18.67 -6.46 15.99
N SER B 212 17.66 -5.93 16.70
CA SER B 212 17.05 -6.62 17.82
C SER B 212 16.30 -7.88 17.38
N GLN B 213 15.90 -7.96 16.11
CA GLN B 213 15.06 -9.04 15.60
C GLN B 213 15.83 -10.24 15.08
N TYR B 214 17.18 -10.21 15.12
CA TYR B 214 17.93 -11.35 14.58
C TYR B 214 18.73 -12.03 15.70
N PRO B 215 18.79 -13.36 15.70
CA PRO B 215 19.48 -14.05 16.79
C PRO B 215 20.99 -13.85 16.71
N HIS B 216 21.62 -13.65 17.87
CA HIS B 216 23.07 -13.55 17.95
C HIS B 216 23.75 -14.91 18.03
N THR B 217 23.09 -15.92 18.59
CA THR B 217 23.65 -17.26 18.75
C THR B 217 22.53 -18.28 18.68
N GLY B 218 22.91 -19.56 18.83
CA GLY B 218 21.97 -20.66 18.84
C GLY B 218 21.95 -21.47 17.56
N PHE B 219 22.53 -20.96 16.48
CA PHE B 219 22.51 -21.67 15.20
C PHE B 219 23.90 -21.90 14.66
N TYR B 220 24.95 -21.47 15.37
CA TYR B 220 26.30 -21.70 14.93
C TYR B 220 27.15 -22.05 16.14
N ASP B 221 27.92 -23.12 16.02
CA ASP B 221 28.73 -23.62 17.12
C ASP B 221 30.12 -22.98 17.06
N PHE B 222 30.40 -22.07 18.01
CA PHE B 222 31.71 -21.44 18.11
C PHE B 222 32.72 -22.24 18.94
N SER B 223 32.33 -23.39 19.49
CA SER B 223 33.19 -23.99 20.53
C SER B 223 34.52 -24.45 19.95
N TRP B 224 34.61 -24.61 18.63
CA TRP B 224 35.89 -24.97 18.00
C TRP B 224 36.97 -23.91 18.20
N VAL B 225 36.58 -22.70 18.63
CA VAL B 225 37.54 -21.66 19.01
C VAL B 225 38.28 -22.03 20.29
N ALA B 226 37.65 -22.78 21.20
CA ALA B 226 38.27 -23.01 22.51
C ALA B 226 39.59 -23.76 22.42
N PRO B 227 39.75 -24.84 21.63
CA PRO B 227 41.07 -25.49 21.56
C PRO B 227 42.13 -24.61 20.92
N LYS B 228 41.75 -23.76 19.98
CA LYS B 228 42.70 -22.79 19.43
C LYS B 228 43.12 -21.78 20.49
N ALA B 229 42.18 -21.38 21.35
CA ALA B 229 42.52 -20.43 22.40
C ALA B 229 43.43 -21.07 23.46
N ALA B 230 43.35 -22.39 23.64
CA ALA B 230 44.25 -23.04 24.58
C ALA B 230 45.64 -23.28 23.99
N GLU B 231 45.72 -23.56 22.68
CA GLU B 231 46.99 -23.80 22.02
C GLU B 231 47.82 -22.52 21.96
N SER B 232 47.18 -21.37 21.77
CA SER B 232 47.86 -20.08 21.64
C SER B 232 47.35 -19.10 22.68
N ALA B 233 48.25 -18.55 23.50
CA ALA B 233 47.84 -17.51 24.43
C ALA B 233 47.75 -16.14 23.80
N THR B 234 48.32 -15.94 22.62
CA THR B 234 48.44 -14.60 22.07
C THR B 234 47.53 -14.31 20.90
N ARG B 235 47.11 -15.31 20.13
CA ARG B 235 46.41 -15.04 18.88
C ARG B 235 45.05 -14.38 19.14
N PRO B 236 44.71 -13.28 18.45
CA PRO B 236 43.36 -12.71 18.61
C PRO B 236 42.30 -13.73 18.18
N LEU B 237 41.18 -13.77 18.90
CA LEU B 237 40.25 -14.85 18.67
C LEU B 237 39.15 -14.43 17.68
N ILE B 238 38.20 -13.61 18.11
CA ILE B 238 37.08 -13.19 17.26
C ILE B 238 37.14 -11.68 17.11
N VAL B 239 37.20 -11.22 15.85
CA VAL B 239 37.16 -9.81 15.50
C VAL B 239 35.78 -9.53 14.93
N ASP B 240 35.01 -8.66 15.58
CA ASP B 240 33.65 -8.32 15.14
C ASP B 240 33.70 -7.01 14.37
N ILE B 241 33.59 -7.11 13.05
CA ILE B 241 33.77 -5.96 12.17
C ILE B 241 32.45 -5.22 12.05
N GLY B 242 32.40 -3.99 12.53
CA GLY B 242 31.14 -3.27 12.62
C GLY B 242 30.18 -3.85 13.65
N GLY B 243 30.69 -4.32 14.79
CA GLY B 243 29.85 -4.98 15.79
C GLY B 243 28.97 -4.10 16.66
N ALA B 244 28.83 -2.81 16.35
CA ALA B 244 27.94 -1.90 17.08
C ALA B 244 28.39 -1.85 18.54
N LYS B 245 27.53 -2.14 19.51
CA LYS B 245 27.92 -2.05 20.92
C LYS B 245 28.43 -3.37 21.47
N GLY B 246 28.81 -4.30 20.60
CA GLY B 246 29.47 -5.52 21.04
C GLY B 246 28.55 -6.58 21.62
N TRP B 247 27.26 -6.50 21.34
CA TRP B 247 26.34 -7.44 21.96
C TRP B 247 26.43 -8.85 21.38
N THR B 248 26.82 -8.97 20.10
CA THR B 248 27.07 -10.30 19.54
C THR B 248 28.28 -10.95 20.21
N LEU B 249 29.34 -10.18 20.45
CA LEU B 249 30.52 -10.72 21.10
C LEU B 249 30.19 -11.20 22.52
N GLN B 250 29.45 -10.38 23.27
CA GLN B 250 29.03 -10.78 24.62
C GLN B 250 28.21 -12.07 24.59
N ALA B 251 27.24 -12.15 23.68
CA ALA B 251 26.41 -13.35 23.59
C ALA B 251 27.23 -14.58 23.24
N ILE B 252 28.20 -14.44 22.33
CA ILE B 252 29.06 -15.57 21.96
C ILE B 252 29.84 -16.06 23.18
N CYS B 253 30.43 -15.12 23.93
CA CYS B 253 31.30 -15.49 25.05
C CYS B 253 30.52 -15.94 26.28
N LYS B 254 29.28 -15.47 26.45
CA LYS B 254 28.39 -16.07 27.44
C LYS B 254 28.03 -17.51 27.07
N GLU B 255 27.80 -17.76 25.78
CA GLU B 255 27.42 -19.09 25.31
C GLU B 255 28.56 -20.09 25.47
N THR B 256 29.79 -19.70 25.15
CA THR B 256 30.97 -20.57 25.30
C THR B 256 31.97 -19.86 26.20
N PRO B 257 31.89 -20.05 27.53
CA PRO B 257 32.79 -19.32 28.43
C PRO B 257 34.26 -19.59 28.18
N GLU B 258 34.58 -20.69 27.50
CA GLU B 258 35.96 -21.01 27.18
C GLU B 258 36.56 -20.06 26.15
N ILE B 259 35.75 -19.18 25.56
CA ILE B 259 36.25 -18.11 24.69
C ILE B 259 36.37 -16.82 25.48
N PRO B 260 37.58 -16.40 25.85
CA PRO B 260 37.74 -15.15 26.62
C PRO B 260 37.43 -13.92 25.79
N ILE B 261 36.41 -13.17 26.21
CA ILE B 261 36.08 -11.93 25.51
C ILE B 261 37.26 -10.96 25.51
N SER B 262 38.16 -11.08 26.49
CA SER B 262 39.32 -10.18 26.55
C SER B 262 40.28 -10.40 25.38
N ARG B 263 40.14 -11.51 24.66
CA ARG B 263 40.95 -11.78 23.48
C ARG B 263 40.17 -11.55 22.19
N CYS B 264 38.97 -11.00 22.29
CA CYS B 264 38.17 -10.61 21.14
C CYS B 264 38.27 -9.09 20.95
N VAL B 265 37.82 -8.65 19.78
CA VAL B 265 38.02 -7.28 19.32
C VAL B 265 36.70 -6.79 18.77
N LEU B 266 36.25 -5.63 19.21
CA LEU B 266 35.07 -4.97 18.68
C LEU B 266 35.52 -3.79 17.83
N GLN B 267 35.13 -3.77 16.57
CA GLN B 267 35.46 -2.69 15.64
C GLN B 267 34.20 -1.97 15.19
N ASP B 268 34.24 -0.64 15.20
CA ASP B 268 33.11 0.15 14.72
C ASP B 268 33.59 1.59 14.52
N LEU B 269 32.65 2.52 14.36
CA LEU B 269 33.00 3.93 14.26
C LEU B 269 33.37 4.48 15.64
N SER B 270 34.16 5.57 15.63
CA SER B 270 34.69 6.12 16.87
C SER B 270 33.58 6.49 17.85
N GLY B 271 32.52 7.14 17.36
CA GLY B 271 31.42 7.49 18.24
C GLY B 271 30.76 6.29 18.88
N VAL B 272 30.70 5.17 18.17
CA VAL B 272 30.13 3.95 18.73
C VAL B 272 31.07 3.35 19.79
N ILE B 273 32.37 3.35 19.51
CA ILE B 273 33.32 2.76 20.44
C ILE B 273 33.41 3.58 21.71
N GLN B 274 33.43 4.92 21.60
CA GLN B 274 33.53 5.76 22.80
C GLN B 274 32.34 5.57 23.73
N MET B 275 31.15 5.33 23.17
CA MET B 275 30.01 5.07 24.04
C MET B 275 30.04 3.65 24.61
N VAL B 276 30.72 2.71 23.93
CA VAL B 276 31.00 1.41 24.53
C VAL B 276 32.02 1.56 25.66
N GLN B 277 33.06 2.36 25.44
CA GLN B 277 34.07 2.68 26.46
C GLN B 277 33.47 3.32 27.70
N THR B 278 32.31 3.97 27.59
CA THR B 278 31.76 4.79 28.68
C THR B 278 30.50 4.21 29.32
N VAL B 279 29.77 3.35 28.62
CA VAL B 279 28.48 2.85 29.11
C VAL B 279 28.34 1.33 29.04
N GLY B 280 29.05 0.64 28.16
CA GLY B 280 28.87 -0.79 27.98
C GLY B 280 29.22 -1.59 29.22
N ASP B 281 28.86 -2.87 29.17
CA ASP B 281 29.08 -3.78 30.29
C ASP B 281 30.58 -3.99 30.54
N GLU B 282 30.89 -4.59 31.68
CA GLU B 282 32.29 -4.81 32.05
C GLU B 282 32.96 -5.82 31.13
N ASP B 283 32.19 -6.77 30.56
CA ASP B 283 32.80 -7.76 29.68
C ASP B 283 33.16 -7.17 28.31
N ILE B 284 32.29 -6.32 27.74
CA ILE B 284 32.60 -5.75 26.45
C ILE B 284 33.75 -4.74 26.56
N ARG B 285 33.90 -4.09 27.71
CA ARG B 285 35.06 -3.22 27.93
C ARG B 285 36.33 -4.00 28.21
N SER B 286 36.21 -5.30 28.54
CA SER B 286 37.37 -6.17 28.62
C SER B 286 37.92 -6.54 27.25
N ALA B 287 37.10 -6.39 26.21
CA ALA B 287 37.53 -6.66 24.85
C ALA B 287 38.35 -5.49 24.31
N GLN B 288 39.10 -5.76 23.23
CA GLN B 288 39.82 -4.71 22.55
C GLN B 288 38.86 -3.93 21.65
N LEU B 289 38.81 -2.61 21.84
CA LEU B 289 37.87 -1.74 21.14
C LEU B 289 38.64 -0.82 20.20
N MET B 290 38.29 -0.86 18.92
CA MET B 290 39.03 -0.14 17.89
C MET B 290 38.06 0.62 16.99
N ALA B 291 38.33 1.90 16.79
CA ALA B 291 37.66 2.64 15.74
C ALA B 291 38.34 2.31 14.41
N ILE B 292 37.54 1.92 13.42
CA ILE B 292 38.04 1.55 12.10
C ILE B 292 37.09 2.11 11.06
N ASP B 293 37.53 2.03 9.81
CA ASP B 293 36.65 2.21 8.65
C ASP B 293 36.79 0.92 7.84
N PHE B 294 35.78 0.05 7.92
CA PHE B 294 35.93 -1.23 7.22
C PHE B 294 35.91 -1.08 5.69
N HIS B 295 35.60 0.12 5.16
CA HIS B 295 35.80 0.35 3.73
C HIS B 295 37.26 0.49 3.37
N LYS B 296 38.12 0.81 4.34
CA LYS B 296 39.52 1.16 4.09
C LYS B 296 40.52 0.18 4.65
N GLU B 297 40.19 -0.55 5.71
CA GLU B 297 41.24 -1.19 6.49
C GLU B 297 40.68 -2.35 7.28
N GLN B 298 41.54 -3.35 7.51
CA GLN B 298 41.38 -4.30 8.61
C GLN B 298 42.69 -4.34 9.39
N PRO B 299 42.74 -3.71 10.56
CA PRO B 299 44.00 -3.61 11.32
C PRO B 299 44.43 -4.85 12.08
N VAL B 300 43.51 -5.73 12.50
CA VAL B 300 43.91 -6.88 13.33
C VAL B 300 44.38 -7.99 12.39
N GLN B 301 45.62 -8.42 12.57
CA GLN B 301 46.21 -9.40 11.66
C GLN B 301 46.14 -10.79 12.26
N GLY B 302 45.82 -11.77 11.42
CA GLY B 302 45.90 -13.18 11.80
C GLY B 302 44.94 -13.66 12.87
N ALA B 303 43.83 -12.96 13.13
CA ALA B 303 42.86 -13.46 14.09
C ALA B 303 42.27 -14.78 13.62
N LEU B 304 41.77 -15.56 14.59
CA LEU B 304 41.16 -16.86 14.26
C LEU B 304 39.86 -16.68 13.46
N VAL B 305 39.06 -15.69 13.82
CA VAL B 305 37.74 -15.44 13.25
C VAL B 305 37.57 -13.95 13.00
N TYR B 306 37.10 -13.60 11.81
CA TYR B 306 36.57 -12.27 11.51
C TYR B 306 35.11 -12.42 11.18
N MET B 307 34.25 -11.66 11.86
CA MET B 307 32.82 -11.77 11.69
C MET B 307 32.24 -10.49 11.13
N ILE B 308 31.41 -10.62 10.10
CA ILE B 308 30.76 -9.49 9.42
C ILE B 308 29.28 -9.80 9.48
N ARG B 309 28.55 -9.12 10.36
CA ARG B 309 27.18 -9.48 10.67
C ARG B 309 26.25 -8.37 10.19
N ARG B 310 25.36 -8.71 9.25
CA ARG B 310 24.32 -7.79 8.75
C ARG B 310 24.92 -6.49 8.21
N ILE B 311 26.04 -6.60 7.54
CA ILE B 311 26.71 -5.45 6.94
C ILE B 311 26.68 -5.52 5.42
N LEU B 312 27.07 -6.66 4.84
CA LEU B 312 27.18 -6.78 3.37
C LEU B 312 25.83 -6.53 2.68
N ARG B 313 24.73 -6.82 3.37
CA ARG B 313 23.39 -6.59 2.79
C ARG B 313 23.18 -5.12 2.44
N ASP B 314 23.90 -4.22 3.07
CA ASP B 314 23.75 -2.79 2.82
C ASP B 314 24.52 -2.28 1.62
N PHE B 315 25.29 -3.15 0.95
CA PHE B 315 26.22 -2.71 -0.09
C PHE B 315 26.07 -3.56 -1.33
N GLY B 316 26.43 -2.97 -2.48
CA GLY B 316 26.48 -3.68 -3.73
C GLY B 316 27.71 -4.61 -3.81
N ASP B 317 27.74 -5.40 -4.89
CA ASP B 317 28.77 -6.45 -5.01
C ASP B 317 30.18 -5.88 -4.95
N ASP B 318 30.44 -4.83 -5.73
CA ASP B 318 31.81 -4.31 -5.75
C ASP B 318 32.24 -3.76 -4.39
N GLU B 319 31.34 -3.03 -3.71
CA GLU B 319 31.70 -2.53 -2.39
C GLU B 319 31.88 -3.67 -1.40
N CYS B 320 31.05 -4.72 -1.51
CA CYS B 320 31.24 -5.90 -0.66
C CYS B 320 32.59 -6.56 -0.92
N VAL B 321 32.97 -6.71 -2.19
CA VAL B 321 34.26 -7.34 -2.50
C VAL B 321 35.42 -6.49 -1.95
N SER B 322 35.27 -5.16 -1.98
CA SER B 322 36.30 -4.31 -1.39
C SER B 322 36.43 -4.54 0.12
N ILE B 323 35.30 -4.52 0.83
CA ILE B 323 35.30 -4.82 2.27
C ILE B 323 35.98 -6.17 2.53
N LEU B 324 35.57 -7.20 1.79
CA LEU B 324 36.09 -8.54 2.03
C LEU B 324 37.58 -8.65 1.70
N GLN B 325 38.06 -7.97 0.64
CA GLN B 325 39.47 -8.06 0.29
C GLN B 325 40.37 -7.45 1.37
N HIS B 326 39.95 -6.38 2.04
CA HIS B 326 40.71 -5.83 3.17
C HIS B 326 40.82 -6.86 4.30
N VAL B 327 39.74 -7.59 4.57
CA VAL B 327 39.82 -8.61 5.63
C VAL B 327 40.71 -9.77 5.22
N VAL B 328 40.57 -10.25 3.97
CA VAL B 328 41.37 -11.36 3.49
C VAL B 328 42.85 -11.03 3.59
N ALA B 329 43.23 -9.78 3.31
CA ALA B 329 44.63 -9.36 3.44
C ALA B 329 45.14 -9.50 4.88
N ALA B 330 44.28 -9.32 5.88
CA ALA B 330 44.67 -9.48 7.28
C ALA B 330 44.65 -10.93 7.75
N MET B 331 43.91 -11.80 7.05
CA MET B 331 43.73 -13.16 7.52
C MET B 331 45.02 -13.98 7.43
N ALA B 332 45.21 -14.86 8.39
CA ALA B 332 46.22 -15.90 8.29
C ALA B 332 45.65 -17.06 7.47
N PRO B 333 46.50 -17.99 7.02
CA PRO B 333 45.99 -19.08 6.18
C PRO B 333 44.86 -19.90 6.80
N ASP B 334 44.80 -20.01 8.14
CA ASP B 334 43.77 -20.78 8.82
C ASP B 334 42.67 -19.92 9.43
N SER B 335 42.69 -18.61 9.23
CA SER B 335 41.60 -17.78 9.73
C SER B 335 40.30 -18.14 9.02
N LYS B 336 39.18 -17.96 9.75
CA LYS B 336 37.85 -18.03 9.15
C LYS B 336 37.25 -16.63 9.11
N LEU B 337 36.50 -16.38 8.05
CA LEU B 337 35.70 -15.16 7.93
C LEU B 337 34.26 -15.64 7.94
N LEU B 338 33.48 -15.20 8.92
CA LEU B 338 32.09 -15.59 9.06
C LEU B 338 31.20 -14.43 8.61
N ILE B 339 30.26 -14.68 7.72
CA ILE B 339 29.28 -13.68 7.32
C ILE B 339 27.93 -14.10 7.90
N ALA B 340 27.36 -13.26 8.75
CA ALA B 340 26.03 -13.53 9.30
C ALA B 340 25.08 -12.63 8.52
N ASP B 341 24.25 -13.25 7.67
CA ASP B 341 23.29 -12.53 6.85
C ASP B 341 22.25 -13.51 6.33
N THR B 342 21.22 -12.95 5.71
CA THR B 342 20.23 -13.77 5.04
C THR B 342 20.82 -14.39 3.79
N VAL B 343 20.67 -15.70 3.65
CA VAL B 343 21.04 -16.38 2.41
C VAL B 343 19.69 -16.66 1.76
N THR B 344 19.29 -15.75 0.89
CA THR B 344 17.89 -15.75 0.52
C THR B 344 17.63 -16.86 -0.49
N GLY B 345 16.43 -17.44 -0.41
CA GLY B 345 16.10 -18.56 -1.27
C GLY B 345 15.73 -18.11 -2.69
N ASN B 346 15.75 -19.05 -3.62
CA ASN B 346 15.29 -18.79 -4.99
C ASN B 346 14.07 -19.67 -5.24
N PRO B 347 12.84 -19.14 -5.10
CA PRO B 347 12.54 -17.72 -4.82
C PRO B 347 12.51 -17.44 -3.33
N PRO B 348 12.60 -16.17 -2.92
CA PRO B 348 12.73 -15.87 -1.50
C PRO B 348 11.39 -15.88 -0.78
N SER B 349 11.44 -16.10 0.53
CA SER B 349 10.21 -15.95 1.31
C SER B 349 9.90 -14.46 1.53
N TRP B 350 8.67 -14.17 1.98
CA TRP B 350 8.18 -12.78 1.91
C TRP B 350 9.06 -11.79 2.67
N PHE B 351 9.41 -12.07 3.94
CA PHE B 351 10.10 -11.06 4.73
CA PHE B 351 10.09 -11.05 4.71
C PHE B 351 11.45 -10.70 4.13
N PRO B 352 12.32 -11.64 3.78
CA PRO B 352 13.55 -11.23 3.06
C PRO B 352 13.29 -10.61 1.69
N ALA B 353 12.25 -11.04 0.98
CA ALA B 353 11.94 -10.40 -0.30
C ALA B 353 11.59 -8.92 -0.09
N MET B 354 10.73 -8.61 0.90
CA MET B 354 10.43 -7.22 1.22
C MET B 354 11.67 -6.44 1.65
N LEU B 355 12.48 -7.00 2.56
CA LEU B 355 13.69 -6.30 2.99
C LEU B 355 14.64 -6.07 1.81
N ASP B 356 14.70 -7.02 0.88
CA ASP B 356 15.54 -6.81 -0.30
C ASP B 356 15.05 -5.60 -1.11
N PHE B 357 13.74 -5.46 -1.25
CA PHE B 357 13.16 -4.32 -1.96
C PHE B 357 13.54 -3.00 -1.29
N PHE B 358 13.44 -2.96 0.05
CA PHE B 358 13.86 -1.76 0.77
C PHE B 358 15.35 -1.49 0.61
N LEU B 359 16.19 -2.55 0.64
CA LEU B 359 17.62 -2.35 0.42
C LEU B 359 17.93 -1.79 -0.96
N SER B 360 17.11 -2.11 -1.98
CA SER B 360 17.39 -1.53 -3.30
C SER B 360 17.41 -0.01 -3.29
N THR B 361 16.75 0.63 -2.31
CA THR B 361 16.71 2.08 -2.28
C THR B 361 17.99 2.68 -1.76
N ILE B 362 18.92 1.87 -1.24
CA ILE B 362 20.18 2.39 -0.72
C ILE B 362 21.36 1.69 -1.37
N GLY B 363 21.09 0.87 -2.38
CA GLY B 363 22.14 0.20 -3.13
C GLY B 363 22.50 -1.21 -2.66
N GLY B 364 21.75 -1.77 -1.72
CA GLY B 364 22.05 -3.08 -1.18
C GLY B 364 21.06 -4.13 -1.67
N LYS B 365 21.15 -5.33 -1.06
CA LYS B 365 20.28 -6.44 -1.47
C LYS B 365 20.47 -7.60 -0.50
N GLU B 366 19.50 -8.52 -0.48
CA GLU B 366 19.70 -9.82 0.17
C GLU B 366 20.17 -10.81 -0.89
N ARG B 367 21.27 -11.50 -0.63
CA ARG B 367 21.90 -12.31 -1.67
C ARG B 367 21.49 -13.77 -1.54
N THR B 368 21.36 -14.44 -2.69
CA THR B 368 21.22 -15.88 -2.74
C THR B 368 22.55 -16.55 -2.40
N GLU B 369 22.49 -17.86 -2.21
CA GLU B 369 23.74 -18.61 -2.02
C GLU B 369 24.69 -18.42 -3.19
N GLU B 370 24.18 -18.52 -4.44
CA GLU B 370 25.08 -18.37 -5.58
C GLU B 370 25.68 -16.96 -5.64
N GLU B 371 24.90 -15.93 -5.27
CA GLU B 371 25.44 -14.56 -5.25
C GLU B 371 26.52 -14.39 -4.18
N PHE B 372 26.34 -14.98 -3.00
CA PHE B 372 27.40 -14.96 -2.00
C PHE B 372 28.64 -15.71 -2.49
N ARG B 373 28.46 -16.83 -3.20
CA ARG B 373 29.62 -17.56 -3.73
C ARG B 373 30.41 -16.70 -4.70
N LYS B 374 29.72 -15.94 -5.55
CA LYS B 374 30.39 -15.04 -6.48
C LYS B 374 31.23 -14.00 -5.77
N ILE B 375 30.65 -13.29 -4.78
CA ILE B 375 31.44 -12.19 -4.21
C ILE B 375 32.56 -12.73 -3.32
N THR B 376 32.35 -13.85 -2.61
CA THR B 376 33.45 -14.40 -1.82
C THR B 376 34.59 -14.87 -2.72
N ALA B 377 34.28 -15.50 -3.86
CA ALA B 377 35.33 -15.91 -4.77
C ALA B 377 36.11 -14.71 -5.33
N ARG B 378 35.40 -13.61 -5.64
CA ARG B 378 36.13 -12.41 -6.08
C ARG B 378 37.13 -11.95 -5.03
N ALA B 379 36.80 -12.14 -3.77
CA ALA B 379 37.64 -11.69 -2.67
C ALA B 379 38.70 -12.71 -2.29
N GLY B 380 38.74 -13.88 -2.94
CA GLY B 380 39.75 -14.85 -2.63
C GLY B 380 39.35 -15.80 -1.54
N LEU B 381 38.05 -15.96 -1.31
CA LEU B 381 37.50 -16.85 -0.29
C LEU B 381 36.74 -18.00 -0.91
N ARG B 382 36.55 -19.05 -0.11
CA ARG B 382 35.68 -20.16 -0.50
C ARG B 382 34.73 -20.42 0.66
N ILE B 383 33.45 -20.58 0.34
CA ILE B 383 32.43 -20.83 1.35
C ILE B 383 32.49 -22.31 1.71
N THR B 384 32.77 -22.62 2.98
CA THR B 384 32.88 -24.03 3.37
C THR B 384 31.68 -24.55 4.15
N GLY B 385 30.83 -23.69 4.67
CA GLY B 385 29.58 -24.15 5.25
C GLY B 385 28.59 -23.02 5.37
N ILE B 386 27.33 -23.39 5.47
CA ILE B 386 26.27 -22.38 5.64
C ILE B 386 25.34 -22.94 6.69
N HIS B 387 25.21 -22.26 7.81
CA HIS B 387 24.47 -22.78 8.96
C HIS B 387 23.27 -21.90 9.24
N TYR B 388 22.07 -22.43 9.01
CA TYR B 388 20.86 -21.61 9.04
C TYR B 388 20.27 -21.53 10.44
N SER B 389 19.81 -20.33 10.80
CA SER B 389 19.03 -20.09 12.01
C SER B 389 17.59 -20.51 11.73
N ASP B 390 16.71 -20.27 12.71
CA ASP B 390 15.27 -20.49 12.58
C ASP B 390 14.55 -19.33 11.90
N LYS B 391 15.25 -18.22 11.64
CA LYS B 391 14.62 -16.96 11.27
C LYS B 391 14.91 -16.62 9.82
N ALA B 392 13.95 -16.88 8.92
CA ALA B 392 13.87 -16.19 7.64
C ALA B 392 15.17 -16.31 6.83
N GLU B 393 15.76 -17.51 6.85
CA GLU B 393 16.96 -17.83 6.07
C GLU B 393 18.20 -17.07 6.55
N PHE B 394 18.16 -16.47 7.74
CA PHE B 394 19.34 -15.87 8.34
C PHE B 394 20.33 -16.96 8.73
N ALA B 395 21.59 -16.81 8.32
CA ALA B 395 22.52 -17.92 8.39
C ALA B 395 23.92 -17.41 8.72
N MET B 396 24.77 -18.33 9.19
CA MET B 396 26.21 -18.10 9.32
C MET B 396 26.92 -18.73 8.12
N ILE B 397 27.57 -17.89 7.32
CA ILE B 397 28.33 -18.34 6.16
C ILE B 397 29.78 -18.43 6.60
N VAL B 398 30.38 -19.61 6.51
CA VAL B 398 31.76 -19.83 6.95
C VAL B 398 32.66 -19.81 5.72
N CYS B 399 33.69 -18.94 5.74
CA CYS B 399 34.58 -18.79 4.60
C CYS B 399 36.02 -19.04 5.04
N GLU B 400 36.81 -19.63 4.14
CA GLU B 400 38.26 -19.73 4.30
C GLU B 400 38.96 -19.14 3.08
N LYS B 401 40.25 -18.87 3.23
CA LYS B 401 41.04 -18.46 2.07
C LYS B 401 41.02 -19.54 0.99
N ALA B 402 40.98 -19.12 -0.26
CA ALA B 402 40.87 -20.06 -1.36
C ALA B 402 42.10 -20.97 -1.49
#